data_9KRA
#
_entry.id   9KRA
#
_cell.length_a   1.00
_cell.length_b   1.00
_cell.length_c   1.00
_cell.angle_alpha   90.00
_cell.angle_beta   90.00
_cell.angle_gamma   90.00
#
_symmetry.space_group_name_H-M   'P 1'
#
loop_
_entity.id
_entity.type
_entity.pdbx_description
1 polymer 'Spike protein S1'
2 polymer 'Angiotensin-converting enzyme'
3 branched 2-acetamido-2-deoxy-beta-D-glucopyranose-(1-4)-2-acetamido-2-deoxy-beta-D-glucopyranose
4 non-polymer 2-acetamido-2-deoxy-beta-D-glucopyranose
#
loop_
_entity_poly.entity_id
_entity_poly.type
_entity_poly.pdbx_seq_one_letter_code
_entity_poly.pdbx_strand_id
1 'polypeptide(L)'
;TQECDFTPMLTGTPPPIYNFKRLVFTNCNYNLTKLLSLFQVSEFSCHQVSPSSLATGCYSSLTVDYFAYSTDMSSYLQPG
SAGAIVQFNYKQDFSNPTCRVLATVPQNLTTITKPSNYAYLTECYKTSAYGKNYLYNAPGAYTPCLSLASRGFSTKYQSH
SDGELTTTGYIYPVTGNLQMAFIISVQYGTDTNSVCPMQ
;
A
2 'polypeptide(L)'
;MSSSSWLLLSLVAVAGAQYTTEEEARRFLVKFNHEAENLSHESALASWDYNTNITDENAKKMNEADNKWSDFYKEQSKIA
QGFPLQEIKDPIIKLQLQILQQNGSSVLTAEKRKRLSTILTTMSTIYSTGKVCNPNNPQQCFTLSGLEDIMEKSKDYHER
LWVWEGWRSEVGKQLRPLYEEYVELKNEMARGNNYKDYGDYWRGDYETEGEKGYNYSRNYLMEDVDRIFLEIKPLYEQLH
AYVRAKLMKAYPSHISPTGCLPAHLLGDMWGRFWTNLYNLTVPLEKEPNIDVTDTMKKQSWDAEKIFKEAEKFYSSVGLP
NMTPGFWRDSMLTEPSDGRQVVCHPTAWDLGKNDFRIKMCTKVTMDDFLTAHHEMGHIQYDMAYANQSYLLRNGANEGFH
EAVGEVMSLSVATPKHLKGMGLLPSDFSENNETEINFLLKQALTIVGTLPFTYMLEKWRWMVFEGKIPKEQWMEKWWEMK
REIVGVVEPLPHDETYCDPASLFHVANDYSFIRYFTRTILEFQFQEALCRTAKHQGPLHKCDISNSTEAGKKLNDMLKLG
KSTPWTYALEKIAETKEMDAKPLLNYFNPLFRWLKEQNGNSVGWSVDSSPYSNQSIKVRISLKSALGEKAYEWNENEMYL
FQSSVAYAMRVYFLKAKNESIPFRAEDVRVSDEKKRVSFKFFVTSPTNMSDIIPRSEVEDAIRMSRSRINDAFRLDDNTL
EFLGVQPTLGPPYQPPVTIWLIVFGVVMGVVVIGIGVLIFTGIRDRKKRNQAENEENPYSSVNLSKGENNPGFQSGDDVQ
TSF
;
B
#
# COMPACT_ATOMS: atom_id res chain seq x y z
N THR A 1 35.97 -44.75 18.50
CA THR A 1 35.93 -46.19 18.75
C THR A 1 35.35 -46.93 17.55
N GLN A 2 34.02 -46.97 17.49
CA GLN A 2 33.32 -47.70 16.44
C GLN A 2 32.89 -46.72 15.34
N GLU A 3 32.53 -47.26 14.19
CA GLU A 3 32.10 -46.40 13.09
C GLU A 3 30.66 -45.94 13.30
N CYS A 4 30.42 -44.67 13.02
CA CYS A 4 29.06 -44.12 12.97
C CYS A 4 28.51 -44.30 11.56
N ASP A 5 27.22 -44.61 11.48
CA ASP A 5 26.59 -44.87 10.20
C ASP A 5 25.84 -43.63 9.69
N PHE A 6 26.04 -43.33 8.42
CA PHE A 6 25.35 -42.22 7.78
C PHE A 6 24.27 -42.68 6.82
N THR A 7 24.02 -43.98 6.72
CA THR A 7 22.91 -44.53 5.95
C THR A 7 21.52 -44.09 6.46
N PRO A 8 21.32 -43.75 7.75
CA PRO A 8 20.13 -42.95 8.08
C PRO A 8 20.03 -41.63 7.33
N MET A 9 21.15 -40.94 7.12
CA MET A 9 21.13 -39.72 6.32
C MET A 9 21.19 -40.00 4.82
N LEU A 10 21.37 -41.25 4.41
CA LEU A 10 21.62 -41.58 3.01
C LEU A 10 20.62 -42.59 2.46
N THR A 11 19.38 -42.55 2.94
CA THR A 11 18.32 -43.36 2.36
C THR A 11 17.00 -42.64 2.56
N GLY A 12 15.97 -43.12 1.86
CA GLY A 12 14.65 -42.56 1.99
C GLY A 12 14.56 -41.19 1.33
N THR A 13 13.58 -40.42 1.78
CA THR A 13 13.33 -39.08 1.31
C THR A 13 13.63 -38.08 2.40
N PRO A 14 14.44 -37.05 2.14
CA PRO A 14 14.68 -36.02 3.14
C PRO A 14 13.42 -35.22 3.40
N PRO A 15 13.04 -35.05 4.66
CA PRO A 15 11.75 -34.46 4.98
C PRO A 15 11.80 -32.95 4.85
N PRO A 16 10.65 -32.26 4.86
CA PRO A 16 10.67 -30.79 4.80
C PRO A 16 11.22 -30.16 6.08
N ILE A 17 11.37 -28.84 6.02
CA ILE A 17 12.16 -28.10 7.00
C ILE A 17 11.48 -28.05 8.35
N TYR A 18 10.15 -28.05 8.39
CA TYR A 18 9.46 -28.03 9.67
C TYR A 18 9.52 -29.38 10.35
N ASN A 19 9.46 -30.46 9.58
CA ASN A 19 9.55 -31.82 10.09
C ASN A 19 10.96 -32.38 9.91
N PHE A 20 11.95 -31.68 10.48
CA PHE A 20 13.33 -32.09 10.27
C PHE A 20 13.66 -33.33 11.11
N LYS A 21 14.67 -34.07 10.67
CA LYS A 21 15.08 -35.31 11.31
C LYS A 21 16.42 -35.12 12.00
N ARG A 22 16.53 -35.66 13.21
CA ARG A 22 17.70 -35.47 14.04
C ARG A 22 18.55 -36.75 14.08
N LEU A 23 19.86 -36.58 14.19
CA LEU A 23 20.84 -37.67 14.04
C LEU A 23 21.88 -37.62 15.14
N VAL A 24 21.41 -37.62 16.40
CA VAL A 24 22.28 -37.53 17.57
C VAL A 24 23.22 -38.73 17.63
N PHE A 25 24.52 -38.45 17.69
CA PHE A 25 25.57 -39.47 17.77
C PHE A 25 26.24 -39.45 19.13
N THR A 26 26.65 -40.62 19.60
CA THR A 26 27.31 -40.75 20.89
C THR A 26 28.32 -41.90 20.83
N ASN A 27 29.58 -41.60 21.16
CA ASN A 27 30.65 -42.57 21.38
C ASN A 27 30.92 -43.43 20.14
N CYS A 28 31.36 -42.78 19.08
CA CYS A 28 31.76 -43.47 17.86
C CYS A 28 32.92 -42.70 17.23
N ASN A 29 33.27 -43.07 15.99
CA ASN A 29 34.38 -42.47 15.27
C ASN A 29 33.90 -41.96 13.92
N TYR A 30 34.05 -40.66 13.68
CA TYR A 30 33.55 -40.03 12.48
C TYR A 30 34.67 -39.69 11.53
N ASN A 31 34.31 -39.57 10.24
CA ASN A 31 35.19 -39.02 9.20
C ASN A 31 34.28 -38.16 8.32
N LEU A 32 34.21 -36.87 8.64
CA LEU A 32 33.27 -35.98 7.96
C LEU A 32 33.69 -35.65 6.54
N THR A 33 34.95 -35.89 6.18
CA THR A 33 35.35 -35.69 4.79
C THR A 33 34.86 -36.82 3.90
N LYS A 34 34.58 -37.99 4.48
CA LYS A 34 33.88 -39.03 3.73
C LYS A 34 32.44 -38.61 3.45
N LEU A 35 31.81 -37.92 4.40
CA LEU A 35 30.43 -37.46 4.22
C LEU A 35 30.37 -36.32 3.21
N LEU A 36 31.19 -35.29 3.39
CA LEU A 36 31.10 -34.08 2.59
C LEU A 36 31.74 -34.20 1.22
N SER A 37 32.24 -35.37 0.84
CA SER A 37 32.72 -35.61 -0.51
C SER A 37 31.65 -36.22 -1.41
N LEU A 38 30.56 -36.74 -0.83
CA LEU A 38 29.46 -37.26 -1.61
C LEU A 38 28.56 -36.17 -2.18
N PHE A 39 28.67 -34.96 -1.66
CA PHE A 39 27.80 -33.85 -2.04
C PHE A 39 28.60 -32.77 -2.76
N GLN A 40 27.91 -31.68 -3.07
CA GLN A 40 28.51 -30.48 -3.66
C GLN A 40 28.25 -29.34 -2.67
N VAL A 41 29.18 -29.13 -1.74
CA VAL A 41 28.99 -28.16 -0.68
C VAL A 41 29.12 -26.75 -1.26
N SER A 42 28.08 -25.95 -1.08
CA SER A 42 28.05 -24.59 -1.59
C SER A 42 28.10 -23.53 -0.49
N GLU A 43 28.10 -23.93 0.78
CA GLU A 43 28.16 -23.00 1.90
C GLU A 43 28.60 -23.77 3.13
N PHE A 44 29.49 -23.17 3.92
CA PHE A 44 30.00 -23.79 5.13
C PHE A 44 30.04 -22.77 6.26
N SER A 45 28.94 -22.05 6.46
CA SER A 45 28.86 -21.01 7.48
C SER A 45 28.89 -21.62 8.88
N CYS A 46 29.91 -21.28 9.66
CA CYS A 46 30.09 -21.80 11.01
C CYS A 46 30.01 -20.67 12.03
N HIS A 47 29.82 -21.04 13.29
CA HIS A 47 29.73 -20.11 14.40
C HIS A 47 30.53 -20.64 15.57
N GLN A 48 31.45 -19.80 16.08
CA GLN A 48 32.34 -20.09 17.21
C GLN A 48 33.22 -21.31 16.98
N VAL A 49 33.48 -21.66 15.73
CA VAL A 49 34.34 -22.78 15.37
C VAL A 49 34.72 -22.58 13.91
N SER A 50 35.80 -23.23 13.50
CA SER A 50 36.24 -23.22 12.12
C SER A 50 35.94 -24.57 11.47
N PRO A 51 35.82 -24.61 10.14
CA PRO A 51 35.67 -25.93 9.46
C PRO A 51 36.88 -26.83 9.60
N SER A 52 38.07 -26.29 9.87
CA SER A 52 39.22 -27.14 10.14
C SER A 52 39.12 -27.78 11.51
N SER A 53 38.68 -27.03 12.51
CA SER A 53 38.55 -27.54 13.87
C SER A 53 37.32 -28.41 14.05
N LEU A 54 36.40 -28.44 13.09
CA LEU A 54 35.21 -29.27 13.23
C LEU A 54 35.53 -30.75 13.02
N ALA A 55 36.58 -31.06 12.25
CA ALA A 55 36.92 -32.42 11.90
C ALA A 55 38.19 -32.91 12.58
N THR A 56 38.60 -32.27 13.67
CA THR A 56 39.83 -32.67 14.35
C THR A 56 39.60 -32.93 15.83
N GLY A 57 38.62 -32.27 16.43
CA GLY A 57 38.44 -32.36 17.87
C GLY A 57 37.66 -33.59 18.31
N CYS A 58 37.79 -33.89 19.59
CA CYS A 58 37.03 -34.96 20.23
C CYS A 58 35.91 -34.33 21.05
N TYR A 59 34.69 -34.80 20.83
CA TYR A 59 33.51 -34.27 21.49
C TYR A 59 32.82 -35.37 22.28
N SER A 60 31.89 -34.96 23.15
CA SER A 60 31.10 -35.94 23.88
C SER A 60 29.88 -36.39 23.08
N SER A 61 29.39 -35.57 22.17
CA SER A 61 28.21 -35.88 21.39
C SER A 61 28.27 -35.12 20.07
N LEU A 62 27.49 -35.61 19.10
CA LEU A 62 27.45 -35.02 17.77
C LEU A 62 26.02 -35.09 17.26
N THR A 63 25.53 -33.99 16.70
CA THR A 63 24.15 -33.87 16.28
C THR A 63 24.10 -33.31 14.86
N VAL A 64 23.21 -33.87 14.04
CA VAL A 64 23.03 -33.46 12.65
C VAL A 64 21.54 -33.37 12.37
N ASP A 65 21.08 -32.22 11.91
CA ASP A 65 19.70 -32.05 11.44
C ASP A 65 19.72 -31.85 9.94
N TYR A 66 18.94 -32.65 9.22
CA TYR A 66 18.96 -32.61 7.77
C TYR A 66 17.54 -32.58 7.23
N PHE A 67 17.33 -31.75 6.22
CA PHE A 67 16.03 -31.59 5.60
C PHE A 67 16.23 -31.13 4.17
N ALA A 68 15.15 -31.19 3.39
CA ALA A 68 15.20 -30.77 2.00
C ALA A 68 15.00 -29.26 1.94
N TYR A 69 15.92 -28.57 1.28
CA TYR A 69 15.95 -27.11 1.33
C TYR A 69 16.70 -26.60 0.12
N SER A 70 16.03 -25.78 -0.70
CA SER A 70 16.65 -25.23 -1.89
C SER A 70 17.66 -24.14 -1.51
N THR A 71 18.74 -24.06 -2.28
CA THR A 71 19.79 -23.09 -2.01
C THR A 71 19.45 -21.68 -2.49
N ASP A 72 18.26 -21.48 -3.01
CA ASP A 72 17.88 -20.15 -3.42
C ASP A 72 17.60 -19.37 -2.17
N MET A 73 16.85 -19.99 -1.27
CA MET A 73 16.46 -19.33 -0.03
C MET A 73 17.51 -19.51 1.05
N SER A 74 18.77 -19.22 0.71
CA SER A 74 19.86 -19.42 1.65
C SER A 74 20.07 -18.23 2.57
N SER A 75 19.38 -17.12 2.33
CA SER A 75 19.51 -15.92 3.14
C SER A 75 18.40 -15.80 4.16
N TYR A 76 17.68 -16.88 4.44
CA TYR A 76 16.68 -16.90 5.49
C TYR A 76 17.07 -17.77 6.68
N LEU A 77 18.02 -18.68 6.51
CA LEU A 77 18.52 -19.48 7.61
C LEU A 77 19.61 -18.76 8.42
N GLN A 78 20.00 -17.58 7.98
CA GLN A 78 21.04 -16.83 8.66
C GLN A 78 20.58 -16.33 10.00
N PRO A 79 21.41 -16.53 11.02
CA PRO A 79 21.09 -16.10 12.38
C PRO A 79 20.57 -14.67 12.38
N GLY A 80 19.36 -14.47 12.88
CA GLY A 80 18.78 -13.15 12.91
C GLY A 80 18.19 -12.66 11.61
N SER A 81 16.93 -13.01 11.38
CA SER A 81 16.25 -12.59 10.17
C SER A 81 14.82 -13.06 10.26
N ALA A 82 14.10 -12.51 11.23
CA ALA A 82 12.71 -12.85 11.46
C ALA A 82 11.94 -13.01 10.18
N GLY A 83 11.84 -14.23 9.71
CA GLY A 83 11.14 -14.52 8.48
C GLY A 83 10.32 -15.77 8.62
N ALA A 84 9.38 -15.98 7.72
CA ALA A 84 8.57 -17.17 7.83
C ALA A 84 9.38 -18.46 7.95
N ILE A 85 10.70 -18.39 8.14
CA ILE A 85 11.53 -19.56 8.33
C ILE A 85 11.95 -19.70 9.79
N VAL A 86 12.72 -18.74 10.31
CA VAL A 86 13.22 -18.84 11.67
C VAL A 86 12.14 -18.60 12.72
N GLN A 87 10.94 -18.20 12.32
CA GLN A 87 9.84 -18.02 13.26
C GLN A 87 8.95 -19.25 13.35
N PHE A 88 8.75 -19.97 12.25
CA PHE A 88 7.76 -21.03 12.20
C PHE A 88 8.30 -22.40 11.84
N ASN A 89 9.49 -22.51 11.26
CA ASN A 89 10.01 -23.79 10.79
C ASN A 89 11.21 -24.25 11.58
N TYR A 90 12.28 -23.46 11.65
CA TYR A 90 13.51 -23.96 12.24
C TYR A 90 14.36 -22.79 12.71
N LYS A 91 14.59 -22.71 14.01
CA LYS A 91 15.45 -21.68 14.61
C LYS A 91 16.69 -22.36 15.18
N GLN A 92 17.86 -21.94 14.69
CA GLN A 92 19.12 -22.57 15.08
C GLN A 92 19.53 -22.14 16.48
N ASP A 93 20.09 -23.07 17.25
CA ASP A 93 20.53 -22.80 18.61
C ASP A 93 21.98 -22.32 18.57
N PHE A 94 22.25 -21.24 19.30
CA PHE A 94 23.57 -20.61 19.26
C PHE A 94 24.32 -20.64 20.58
N SER A 95 23.82 -21.34 21.59
CA SER A 95 24.59 -21.56 22.80
C SER A 95 25.39 -22.85 22.73
N ASN A 96 26.08 -23.02 21.61
CA ASN A 96 26.89 -24.19 21.27
C ASN A 96 27.60 -23.90 19.95
N PRO A 97 28.73 -24.55 19.69
CA PRO A 97 29.33 -24.44 18.36
C PRO A 97 28.50 -25.17 17.33
N THR A 98 28.42 -24.60 16.13
CA THR A 98 27.58 -25.15 15.07
C THR A 98 28.13 -24.76 13.72
N CYS A 99 27.76 -25.54 12.70
CA CYS A 99 28.05 -25.23 11.31
C CYS A 99 26.82 -25.56 10.48
N ARG A 100 26.66 -24.84 9.37
CA ARG A 100 25.52 -25.03 8.48
C ARG A 100 26.03 -25.30 7.07
N VAL A 101 25.80 -26.52 6.59
CA VAL A 101 26.24 -26.96 5.28
C VAL A 101 25.02 -27.04 4.37
N LEU A 102 25.15 -26.51 3.15
CA LEU A 102 24.10 -26.59 2.15
C LEU A 102 24.62 -27.36 0.94
N ALA A 103 24.02 -28.51 0.68
CA ALA A 103 24.49 -29.43 -0.35
C ALA A 103 23.64 -29.36 -1.61
N THR A 104 24.12 -30.04 -2.65
CA THR A 104 23.53 -29.99 -3.98
C THR A 104 23.48 -31.40 -4.58
N VAL A 105 22.87 -32.33 -3.84
CA VAL A 105 22.88 -33.80 -4.00
C VAL A 105 22.84 -34.29 -5.45
N PRO A 106 23.88 -35.00 -5.89
CA PRO A 106 24.10 -35.20 -7.33
C PRO A 106 23.28 -36.36 -7.88
N GLN A 107 23.45 -36.59 -9.18
CA GLN A 107 22.71 -37.62 -9.89
C GLN A 107 23.26 -39.01 -9.58
N ASN A 108 24.57 -39.10 -9.31
CA ASN A 108 25.19 -40.40 -9.07
C ASN A 108 24.74 -41.02 -7.75
N LEU A 109 24.46 -40.20 -6.75
CA LEU A 109 23.99 -40.69 -5.45
C LEU A 109 22.53 -41.09 -5.60
N THR A 110 22.32 -42.32 -6.07
CA THR A 110 20.98 -42.81 -6.39
C THR A 110 20.21 -43.26 -5.15
N THR A 111 20.88 -43.44 -4.01
CA THR A 111 20.22 -43.92 -2.81
C THR A 111 19.28 -42.90 -2.19
N ILE A 112 19.42 -41.62 -2.55
CA ILE A 112 18.49 -40.58 -2.13
C ILE A 112 17.32 -40.56 -3.09
N THR A 113 16.11 -40.42 -2.55
CA THR A 113 14.90 -40.39 -3.36
C THR A 113 14.37 -38.96 -3.40
N LYS A 114 14.13 -38.47 -4.61
CA LYS A 114 13.69 -37.10 -4.80
C LYS A 114 12.22 -36.96 -4.42
N PRO A 115 11.85 -35.94 -3.64
CA PRO A 115 10.43 -35.75 -3.30
C PRO A 115 9.68 -35.03 -4.40
N SER A 116 8.42 -34.69 -4.15
CA SER A 116 7.62 -34.01 -5.16
C SER A 116 7.80 -32.50 -5.10
N ASN A 117 7.66 -31.90 -3.92
CA ASN A 117 7.81 -30.46 -3.77
C ASN A 117 8.64 -30.15 -2.53
N TYR A 118 9.24 -28.96 -2.53
CA TYR A 118 9.73 -28.36 -1.30
C TYR A 118 8.56 -27.76 -0.54
N ALA A 119 8.75 -27.52 0.75
CA ALA A 119 7.64 -27.04 1.57
C ALA A 119 8.15 -26.33 2.81
N TYR A 120 7.38 -25.34 3.25
CA TYR A 120 7.58 -24.73 4.56
C TYR A 120 6.23 -24.21 5.05
N LEU A 121 6.23 -23.64 6.25
CA LEU A 121 5.02 -23.11 6.86
C LEU A 121 5.08 -21.59 6.87
N THR A 122 3.98 -20.96 6.49
CA THR A 122 3.92 -19.50 6.43
C THR A 122 3.34 -18.86 7.67
N GLU A 123 2.51 -19.58 8.43
CA GLU A 123 2.04 -19.11 9.73
C GLU A 123 1.55 -20.30 10.56
N CYS A 124 1.71 -20.18 11.88
CA CYS A 124 1.21 -21.17 12.82
C CYS A 124 0.79 -20.41 14.06
N TYR A 125 -0.52 -20.35 14.32
CA TYR A 125 -1.06 -19.42 15.30
C TYR A 125 -2.24 -20.06 16.03
N LYS A 126 -2.92 -19.25 16.83
CA LYS A 126 -4.06 -19.67 17.64
C LYS A 126 -5.06 -18.52 17.66
N THR A 127 -6.28 -18.79 17.22
CA THR A 127 -7.24 -17.73 16.96
C THR A 127 -7.86 -17.18 18.24
N SER A 128 -8.31 -15.93 18.17
CA SER A 128 -9.03 -15.29 19.25
C SER A 128 -10.12 -14.42 18.65
N ALA A 129 -10.87 -13.74 19.50
CA ALA A 129 -11.81 -12.73 19.03
C ALA A 129 -11.13 -11.38 18.79
N TYR A 130 -9.87 -11.25 19.17
CA TYR A 130 -9.15 -10.00 19.06
C TYR A 130 -8.07 -10.02 17.98
N GLY A 131 -7.83 -11.15 17.35
CA GLY A 131 -6.82 -11.22 16.32
C GLY A 131 -6.20 -12.61 16.28
N LYS A 132 -4.92 -12.64 15.91
CA LYS A 132 -4.14 -13.85 15.82
C LYS A 132 -3.06 -13.85 16.88
N ASN A 133 -2.88 -14.98 17.54
CA ASN A 133 -1.85 -15.15 18.56
C ASN A 133 -0.79 -16.06 17.99
N TYR A 134 0.29 -15.48 17.48
CA TYR A 134 1.32 -16.24 16.80
C TYR A 134 2.11 -17.10 17.78
N LEU A 135 2.49 -18.28 17.34
CA LEU A 135 3.26 -19.23 18.14
C LEU A 135 4.63 -19.37 17.50
N TYR A 136 5.58 -18.57 17.97
CA TYR A 136 6.92 -18.63 17.43
C TYR A 136 7.65 -19.86 17.95
N ASN A 137 8.79 -20.14 17.33
CA ASN A 137 9.49 -21.40 17.57
C ASN A 137 10.36 -21.28 18.82
N ALA A 138 11.21 -22.29 19.02
CA ALA A 138 12.20 -22.34 20.08
C ALA A 138 13.51 -22.80 19.46
N PRO A 139 14.66 -22.43 20.03
CA PRO A 139 15.94 -22.82 19.41
C PRO A 139 16.21 -24.31 19.46
N GLY A 140 16.13 -24.97 18.30
CA GLY A 140 16.37 -26.39 18.19
C GLY A 140 15.15 -27.27 18.37
N ALA A 141 13.96 -26.70 18.54
CA ALA A 141 12.76 -27.46 18.82
C ALA A 141 11.82 -27.42 17.63
N TYR A 142 10.82 -28.29 17.67
CA TYR A 142 9.82 -28.40 16.62
C TYR A 142 8.72 -27.38 16.82
N THR A 143 8.02 -27.08 15.72
CA THR A 143 6.87 -26.19 15.78
C THR A 143 5.70 -26.89 16.48
N PRO A 144 4.88 -26.14 17.22
CA PRO A 144 3.71 -26.77 17.86
C PRO A 144 2.62 -27.17 16.88
N CYS A 145 2.67 -26.71 15.64
CA CYS A 145 1.72 -27.09 14.60
C CYS A 145 2.16 -28.31 13.81
N LEU A 146 2.98 -29.18 14.40
CA LEU A 146 3.51 -30.32 13.65
C LEU A 146 2.48 -31.43 13.50
N SER A 147 1.61 -31.61 14.49
CA SER A 147 0.56 -32.62 14.38
C SER A 147 -0.53 -32.24 13.39
N LEU A 148 -0.65 -30.95 13.05
CA LEU A 148 -1.58 -30.51 12.01
C LEU A 148 -0.94 -30.54 10.64
N ALA A 149 0.33 -30.13 10.54
CA ALA A 149 1.01 -30.07 9.25
C ALA A 149 1.29 -31.46 8.68
N SER A 150 1.24 -32.50 9.50
CA SER A 150 1.41 -33.87 9.05
C SER A 150 0.08 -34.48 8.60
N ARG A 151 -0.61 -33.75 7.73
CA ARG A 151 -1.69 -34.28 6.92
C ARG A 151 -1.41 -34.12 5.44
N GLY A 152 -0.42 -33.30 5.07
CA GLY A 152 -0.03 -33.12 3.69
C GLY A 152 -0.65 -31.89 3.06
N PHE A 153 0.19 -31.03 2.50
CA PHE A 153 -0.30 -29.89 1.74
C PHE A 153 -0.37 -30.25 0.27
N SER A 154 -1.42 -29.80 -0.40
CA SER A 154 -1.63 -30.11 -1.81
C SER A 154 -1.56 -28.89 -2.71
N THR A 155 -1.89 -27.70 -2.20
CA THR A 155 -1.77 -26.46 -2.95
C THR A 155 -1.12 -25.41 -2.06
N LYS A 156 -0.80 -24.27 -2.67
CA LYS A 156 -0.19 -23.16 -1.97
C LYS A 156 -1.21 -22.52 -1.02
N TYR A 157 -0.78 -22.30 0.21
CA TYR A 157 -1.61 -21.70 1.26
C TYR A 157 -2.87 -22.53 1.52
N GLN A 158 -2.66 -23.79 1.91
CA GLN A 158 -3.74 -24.69 2.28
C GLN A 158 -3.67 -24.94 3.78
N SER A 159 -4.65 -24.42 4.51
CA SER A 159 -4.61 -24.42 5.97
C SER A 159 -5.16 -25.72 6.55
N HIS A 160 -4.89 -25.92 7.83
CA HIS A 160 -5.36 -27.09 8.57
C HIS A 160 -5.62 -26.66 10.00
N SER A 161 -6.77 -27.05 10.55
CA SER A 161 -7.15 -26.62 11.89
C SER A 161 -7.70 -27.79 12.68
N ASP A 162 -7.51 -27.73 14.00
CA ASP A 162 -8.13 -28.65 14.94
C ASP A 162 -8.31 -27.91 16.25
N GLY A 163 -9.51 -27.38 16.49
CA GLY A 163 -9.76 -26.58 17.67
C GLY A 163 -9.40 -25.14 17.49
N GLU A 164 -8.37 -24.67 18.19
CA GLU A 164 -7.90 -23.30 18.04
C GLU A 164 -6.63 -23.17 17.21
N LEU A 165 -5.84 -24.23 17.10
CA LEU A 165 -4.57 -24.16 16.40
C LEU A 165 -4.79 -24.16 14.89
N THR A 166 -4.00 -23.36 14.19
CA THR A 166 -4.08 -23.25 12.74
C THR A 166 -2.68 -23.19 12.16
N THR A 167 -2.47 -23.83 11.02
CA THR A 167 -1.21 -23.76 10.29
C THR A 167 -1.52 -23.42 8.85
N THR A 168 -0.47 -23.13 8.07
CA THR A 168 -0.62 -22.83 6.66
C THR A 168 0.68 -23.21 5.96
N GLY A 169 0.57 -24.03 4.91
CA GLY A 169 1.74 -24.49 4.19
C GLY A 169 1.96 -23.70 2.90
N TYR A 170 3.03 -24.06 2.21
CA TYR A 170 3.38 -23.46 0.92
C TYR A 170 4.31 -24.42 0.21
N ILE A 171 3.92 -24.87 -0.98
CA ILE A 171 4.71 -25.84 -1.72
C ILE A 171 5.06 -25.29 -3.10
N TYR A 172 6.18 -25.75 -3.65
CA TYR A 172 6.62 -25.37 -4.98
C TYR A 172 7.48 -26.49 -5.52
N PRO A 173 7.41 -26.79 -6.83
CA PRO A 173 7.99 -28.03 -7.34
C PRO A 173 9.51 -28.02 -7.39
N VAL A 174 10.05 -29.22 -7.62
CA VAL A 174 11.48 -29.47 -7.65
C VAL A 174 11.95 -29.44 -9.10
N THR A 175 13.00 -28.67 -9.38
CA THR A 175 13.60 -28.64 -10.70
C THR A 175 15.09 -28.93 -10.56
N GLY A 176 15.60 -29.81 -11.41
CA GLY A 176 16.99 -30.19 -11.34
C GLY A 176 17.26 -31.22 -10.26
N ASN A 177 18.47 -31.21 -9.73
CA ASN A 177 18.84 -32.14 -8.68
C ASN A 177 18.35 -31.64 -7.33
N LEU A 178 18.55 -32.46 -6.30
CA LEU A 178 18.06 -32.16 -4.97
C LEU A 178 19.09 -31.35 -4.19
N GLN A 179 18.60 -30.47 -3.33
CA GLN A 179 19.44 -29.64 -2.46
C GLN A 179 18.96 -29.81 -1.03
N MET A 180 19.89 -30.03 -0.12
CA MET A 180 19.60 -30.29 1.28
C MET A 180 20.26 -29.24 2.16
N ALA A 181 20.19 -29.46 3.47
CA ALA A 181 20.81 -28.55 4.43
C ALA A 181 21.16 -29.35 5.66
N PHE A 182 22.39 -29.18 6.16
CA PHE A 182 22.90 -29.96 7.27
C PHE A 182 23.37 -29.02 8.37
N ILE A 183 22.70 -29.05 9.51
CA ILE A 183 23.06 -28.26 10.67
C ILE A 183 23.79 -29.19 11.62
N ILE A 184 25.08 -28.95 11.83
CA ILE A 184 25.96 -29.89 12.54
C ILE A 184 26.40 -29.22 13.84
N SER A 185 25.77 -29.59 14.94
CA SER A 185 26.07 -29.02 16.25
C SER A 185 26.90 -30.01 17.06
N VAL A 186 27.88 -29.49 17.79
CA VAL A 186 28.73 -30.29 18.67
C VAL A 186 28.49 -29.85 20.11
N GLN A 187 28.95 -30.68 21.04
CA GLN A 187 28.89 -30.36 22.47
C GLN A 187 30.14 -30.85 23.16
N TYR A 188 30.71 -30.01 24.02
CA TYR A 188 31.92 -30.34 24.74
C TYR A 188 31.55 -30.95 26.10
N GLY A 189 31.98 -32.19 26.33
CA GLY A 189 31.83 -32.78 27.64
C GLY A 189 32.94 -32.36 28.59
N THR A 190 32.66 -32.49 29.89
CA THR A 190 33.62 -32.04 30.90
C THR A 190 34.75 -33.04 31.09
N ASP A 191 34.45 -34.33 31.09
CA ASP A 191 35.44 -35.36 31.36
C ASP A 191 35.72 -36.24 30.16
N THR A 192 34.68 -36.85 29.57
CA THR A 192 34.84 -37.83 28.52
C THR A 192 34.43 -37.21 27.18
N ASN A 193 35.36 -37.20 26.23
CA ASN A 193 35.11 -36.77 24.86
C ASN A 193 35.40 -37.97 23.98
N SER A 194 34.37 -38.77 23.72
CA SER A 194 34.53 -40.07 23.07
C SER A 194 34.10 -40.07 21.60
N VAL A 195 33.69 -38.94 21.05
CA VAL A 195 33.39 -38.81 19.62
C VAL A 195 34.62 -38.14 19.01
N CYS A 196 35.57 -38.96 18.57
CA CYS A 196 36.85 -38.53 18.05
C CYS A 196 36.91 -38.79 16.54
N PRO A 197 37.82 -38.11 15.83
CA PRO A 197 37.99 -38.42 14.40
C PRO A 197 38.58 -39.80 14.17
N MET A 198 38.29 -40.36 13.01
CA MET A 198 38.65 -41.73 12.68
C MET A 198 40.13 -41.81 12.33
N GLN A 199 40.89 -42.55 13.12
CA GLN A 199 42.32 -42.73 12.87
C GLN A 199 42.66 -44.20 12.69
N GLN B 18 -25.39 -20.74 31.40
CA GLN B 18 -25.15 -20.14 30.10
C GLN B 18 -24.15 -19.00 30.17
N TYR B 19 -24.18 -18.12 29.18
CA TYR B 19 -23.26 -17.00 29.08
C TYR B 19 -24.04 -15.72 28.81
N THR B 20 -23.38 -14.58 29.06
CA THR B 20 -24.00 -13.28 28.88
C THR B 20 -23.93 -12.87 27.41
N THR B 21 -24.28 -11.62 27.11
CA THR B 21 -24.31 -11.18 25.73
C THR B 21 -22.91 -11.00 25.16
N GLU B 22 -21.95 -10.56 25.98
CA GLU B 22 -20.62 -10.32 25.46
C GLU B 22 -19.89 -11.62 25.14
N GLU B 23 -20.16 -12.70 25.89
CA GLU B 23 -19.54 -13.96 25.56
C GLU B 23 -20.17 -14.59 24.32
N GLU B 24 -21.46 -14.37 24.10
CA GLU B 24 -22.07 -14.76 22.83
C GLU B 24 -21.47 -13.99 21.67
N ALA B 25 -21.17 -12.70 21.89
CA ALA B 25 -20.52 -11.88 20.87
C ALA B 25 -19.11 -12.39 20.57
N ARG B 26 -18.38 -12.76 21.62
CA ARG B 26 -17.03 -13.32 21.43
C ARG B 26 -17.07 -14.63 20.67
N ARG B 27 -18.02 -15.52 20.99
CA ARG B 27 -18.12 -16.79 20.29
C ARG B 27 -18.49 -16.60 18.83
N PHE B 28 -19.39 -15.65 18.55
CA PHE B 28 -19.76 -15.36 17.18
C PHE B 28 -18.59 -14.77 16.40
N LEU B 29 -17.79 -13.90 17.03
CA LEU B 29 -16.68 -13.31 16.30
C LEU B 29 -15.54 -14.30 16.07
N VAL B 30 -15.36 -15.25 17.00
CA VAL B 30 -14.38 -16.31 16.76
C VAL B 30 -14.83 -17.22 15.63
N LYS B 31 -16.14 -17.54 15.58
CA LYS B 31 -16.65 -18.35 14.47
C LYS B 31 -16.60 -17.63 13.14
N PHE B 32 -16.73 -16.29 13.15
CA PHE B 32 -16.58 -15.54 11.92
C PHE B 32 -15.12 -15.50 11.46
N ASN B 33 -14.20 -15.26 12.41
CA ASN B 33 -12.79 -15.16 12.07
C ASN B 33 -12.20 -16.50 11.64
N HIS B 34 -12.78 -17.61 12.08
CA HIS B 34 -12.25 -18.90 11.65
C HIS B 34 -12.59 -19.19 10.19
N GLU B 35 -13.74 -18.74 9.71
CA GLU B 35 -14.18 -19.06 8.36
C GLU B 35 -13.96 -17.93 7.37
N ALA B 36 -13.60 -16.73 7.82
CA ALA B 36 -13.41 -15.63 6.88
C ALA B 36 -12.05 -15.68 6.19
N GLU B 37 -11.03 -16.11 6.93
CA GLU B 37 -9.67 -16.18 6.39
C GLU B 37 -9.52 -17.21 5.26
N ASN B 38 -10.25 -18.29 5.38
CA ASN B 38 -10.18 -19.33 4.41
C ASN B 38 -10.96 -19.01 3.15
N LEU B 39 -11.99 -18.18 3.25
CA LEU B 39 -12.84 -17.85 2.12
C LEU B 39 -12.48 -16.54 1.45
N SER B 40 -11.74 -15.65 2.12
CA SER B 40 -11.33 -14.42 1.47
C SER B 40 -10.12 -14.62 0.56
N HIS B 41 -9.24 -15.57 0.90
CA HIS B 41 -8.06 -15.80 0.07
C HIS B 41 -8.42 -16.43 -1.26
N GLU B 42 -9.49 -17.23 -1.30
CA GLU B 42 -9.96 -17.78 -2.58
C GLU B 42 -10.46 -16.68 -3.50
N SER B 43 -11.27 -15.76 -2.95
CA SER B 43 -11.79 -14.65 -3.73
C SER B 43 -10.72 -13.64 -4.10
N ALA B 44 -9.62 -13.57 -3.37
CA ALA B 44 -8.53 -12.68 -3.77
C ALA B 44 -7.60 -13.33 -4.79
N LEU B 45 -7.34 -14.62 -4.64
CA LEU B 45 -6.49 -15.32 -5.60
C LEU B 45 -7.19 -15.51 -6.94
N ALA B 46 -8.52 -15.65 -6.92
CA ALA B 46 -9.26 -15.74 -8.19
C ALA B 46 -9.25 -14.42 -8.95
N SER B 47 -9.12 -13.30 -8.25
CA SER B 47 -8.98 -12.01 -8.92
C SER B 47 -7.55 -11.71 -9.33
N TRP B 48 -6.57 -12.20 -8.58
CA TRP B 48 -5.18 -12.08 -9.01
C TRP B 48 -4.91 -12.91 -10.25
N ASP B 49 -5.56 -14.07 -10.36
CA ASP B 49 -5.37 -14.90 -11.54
C ASP B 49 -6.08 -14.35 -12.78
N TYR B 50 -6.95 -13.36 -12.62
CA TYR B 50 -7.57 -12.68 -13.74
C TYR B 50 -6.85 -11.39 -14.12
N ASN B 51 -6.40 -10.60 -13.14
CA ASN B 51 -5.77 -9.32 -13.47
C ASN B 51 -4.40 -9.47 -14.11
N THR B 52 -3.78 -10.64 -14.03
CA THR B 52 -2.50 -10.88 -14.68
C THR B 52 -2.60 -11.83 -15.86
N ASN B 53 -3.79 -12.36 -16.14
CA ASN B 53 -4.01 -13.27 -17.27
C ASN B 53 -5.47 -13.10 -17.70
N ILE B 54 -5.71 -12.19 -18.63
CA ILE B 54 -7.07 -11.77 -18.96
C ILE B 54 -7.60 -12.69 -20.05
N THR B 55 -8.40 -13.68 -19.65
CA THR B 55 -9.15 -14.49 -20.59
C THR B 55 -10.61 -14.54 -20.16
N ASP B 56 -11.42 -15.35 -20.83
CA ASP B 56 -12.81 -15.54 -20.42
C ASP B 56 -12.99 -16.69 -19.47
N GLU B 57 -12.01 -17.60 -19.39
CA GLU B 57 -12.04 -18.67 -18.42
C GLU B 57 -11.64 -18.20 -17.03
N ASN B 58 -10.90 -17.09 -16.93
CA ASN B 58 -10.46 -16.54 -15.66
C ASN B 58 -11.36 -15.42 -15.16
N ALA B 59 -12.35 -15.00 -15.95
CA ALA B 59 -13.33 -14.02 -15.51
C ALA B 59 -14.61 -14.66 -15.01
N LYS B 60 -14.68 -15.99 -15.00
CA LYS B 60 -15.81 -16.74 -14.48
C LYS B 60 -15.56 -17.27 -13.07
N LYS B 61 -14.34 -17.77 -12.83
CA LYS B 61 -13.95 -18.20 -11.49
C LYS B 61 -13.92 -17.03 -10.52
N MET B 62 -13.56 -15.84 -11.02
CA MET B 62 -13.57 -14.64 -10.18
C MET B 62 -14.97 -14.31 -9.69
N ASN B 63 -15.96 -14.39 -10.59
CA ASN B 63 -17.33 -14.11 -10.21
C ASN B 63 -17.91 -15.19 -9.31
N GLU B 64 -17.53 -16.46 -9.53
CA GLU B 64 -18.00 -17.53 -8.65
C GLU B 64 -17.43 -17.39 -7.24
N ALA B 65 -16.14 -17.05 -7.13
CA ALA B 65 -15.54 -16.87 -5.81
C ALA B 65 -16.09 -15.65 -5.09
N ASP B 66 -16.35 -14.56 -5.83
CA ASP B 66 -16.95 -13.39 -5.21
C ASP B 66 -18.40 -13.64 -4.80
N ASN B 67 -19.12 -14.50 -5.53
CA ASN B 67 -20.47 -14.84 -5.11
C ASN B 67 -20.47 -15.71 -3.87
N LYS B 68 -19.51 -16.63 -3.75
CA LYS B 68 -19.37 -17.41 -2.52
C LYS B 68 -19.04 -16.51 -1.33
N TRP B 69 -18.17 -15.52 -1.55
CA TRP B 69 -17.82 -14.61 -0.46
C TRP B 69 -18.99 -13.73 -0.06
N SER B 70 -19.77 -13.24 -1.04
CA SER B 70 -20.92 -12.39 -0.71
C SER B 70 -22.01 -13.19 -0.01
N ASP B 71 -22.23 -14.43 -0.43
CA ASP B 71 -23.24 -15.26 0.23
C ASP B 71 -22.80 -15.72 1.61
N PHE B 72 -21.50 -15.75 1.89
CA PHE B 72 -21.06 -15.96 3.27
C PHE B 72 -21.27 -14.70 4.10
N TYR B 73 -20.89 -13.54 3.54
CA TYR B 73 -20.89 -12.29 4.31
C TYR B 73 -22.30 -11.84 4.65
N LYS B 74 -23.26 -12.03 3.73
CA LYS B 74 -24.62 -11.59 3.98
C LYS B 74 -25.30 -12.43 5.06
N GLU B 75 -25.01 -13.73 5.09
CA GLU B 75 -25.56 -14.58 6.14
C GLU B 75 -24.96 -14.26 7.49
N GLN B 76 -23.65 -14.00 7.54
CA GLN B 76 -23.05 -13.61 8.82
C GLN B 76 -23.53 -12.23 9.27
N SER B 77 -23.80 -11.32 8.34
CA SER B 77 -24.33 -10.01 8.72
C SER B 77 -25.79 -10.10 9.17
N LYS B 78 -26.54 -11.08 8.66
CA LYS B 78 -27.88 -11.33 9.17
C LYS B 78 -27.84 -11.93 10.56
N ILE B 79 -26.85 -12.79 10.83
CA ILE B 79 -26.69 -13.35 12.17
C ILE B 79 -26.26 -12.28 13.17
N ALA B 80 -25.41 -11.35 12.74
CA ALA B 80 -24.80 -10.36 13.63
C ALA B 80 -25.76 -9.33 14.21
N GLN B 81 -27.00 -9.27 13.74
CA GLN B 81 -27.95 -8.28 14.26
C GLN B 81 -28.77 -8.80 15.43
N GLY B 82 -28.43 -9.97 15.97
CA GLY B 82 -29.02 -10.44 17.20
C GLY B 82 -28.39 -9.89 18.45
N PHE B 83 -27.40 -9.02 18.30
CA PHE B 83 -26.67 -8.45 19.43
C PHE B 83 -26.97 -6.97 19.53
N PRO B 84 -27.61 -6.50 20.59
CA PRO B 84 -27.79 -5.05 20.76
C PRO B 84 -26.46 -4.36 21.05
N LEU B 85 -26.22 -3.25 20.35
CA LEU B 85 -24.93 -2.57 20.43
C LEU B 85 -24.73 -1.83 21.74
N GLN B 86 -25.77 -1.65 22.55
CA GLN B 86 -25.64 -0.92 23.79
C GLN B 86 -25.27 -1.81 24.98
N GLU B 87 -25.09 -3.10 24.75
CA GLU B 87 -24.71 -4.02 25.81
C GLU B 87 -23.23 -4.37 25.79
N ILE B 88 -22.52 -4.08 24.71
CA ILE B 88 -21.10 -4.40 24.61
C ILE B 88 -20.31 -3.36 25.37
N LYS B 89 -19.36 -3.81 26.20
CA LYS B 89 -18.52 -2.91 26.97
C LYS B 89 -17.09 -2.83 26.46
N ASP B 90 -16.60 -3.86 25.77
CA ASP B 90 -15.26 -3.84 25.21
C ASP B 90 -15.25 -3.03 23.92
N PRO B 91 -14.17 -2.29 23.65
CA PRO B 91 -14.14 -1.48 22.43
C PRO B 91 -13.95 -2.26 21.14
N ILE B 92 -13.16 -3.34 21.15
CA ILE B 92 -12.81 -3.99 19.89
C ILE B 92 -13.97 -4.85 19.37
N ILE B 93 -14.69 -5.52 20.27
CA ILE B 93 -15.86 -6.29 19.86
C ILE B 93 -16.97 -5.36 19.39
N LYS B 94 -17.10 -4.20 20.01
CA LYS B 94 -18.05 -3.18 19.56
C LYS B 94 -17.68 -2.67 18.18
N LEU B 95 -16.39 -2.44 17.95
CA LEU B 95 -15.92 -1.98 16.64
C LEU B 95 -16.10 -3.03 15.56
N GLN B 96 -16.01 -4.30 15.91
CA GLN B 96 -16.19 -5.35 14.92
C GLN B 96 -17.66 -5.68 14.70
N LEU B 97 -18.55 -5.35 15.63
CA LEU B 97 -19.97 -5.52 15.37
C LEU B 97 -20.61 -4.33 14.67
N GLN B 98 -20.04 -3.13 14.83
CA GLN B 98 -20.54 -1.97 14.09
C GLN B 98 -20.33 -2.13 12.58
N ILE B 99 -19.18 -2.67 12.19
CA ILE B 99 -18.91 -2.92 10.78
C ILE B 99 -19.82 -4.01 10.24
N LEU B 100 -20.16 -5.00 11.08
CA LEU B 100 -20.88 -6.16 10.59
C LEU B 100 -22.38 -5.92 10.50
N GLN B 101 -22.97 -5.16 11.42
CA GLN B 101 -24.41 -4.93 11.37
C GLN B 101 -24.83 -4.14 10.14
N GLN B 102 -24.53 -2.83 10.11
CA GLN B 102 -24.33 -1.96 8.93
C GLN B 102 -25.17 -2.24 7.69
N ASN B 103 -26.50 -2.10 7.79
CA ASN B 103 -27.48 -2.46 6.76
C ASN B 103 -27.17 -2.02 5.34
N GLY B 104 -26.56 -0.86 5.17
CA GLY B 104 -26.15 -0.43 3.85
C GLY B 104 -27.29 0.04 2.97
N SER B 105 -27.30 -0.39 1.72
CA SER B 105 -28.32 0.01 0.78
C SER B 105 -29.53 -0.91 0.77
N SER B 106 -29.59 -1.86 1.70
CA SER B 106 -30.73 -2.78 1.78
C SER B 106 -31.80 -2.26 2.73
N VAL B 107 -32.18 -1.00 2.53
CA VAL B 107 -33.26 -0.38 3.29
C VAL B 107 -34.36 0.17 2.40
N LEU B 108 -34.09 0.32 1.10
CA LEU B 108 -35.10 0.72 0.14
C LEU B 108 -35.97 -0.48 -0.23
N THR B 109 -36.96 -0.25 -1.08
CA THR B 109 -37.74 -1.35 -1.63
C THR B 109 -36.99 -1.96 -2.80
N ALA B 110 -37.60 -2.96 -3.44
CA ALA B 110 -36.94 -3.61 -4.57
C ALA B 110 -36.93 -2.72 -5.81
N GLU B 111 -37.98 -1.95 -6.01
CA GLU B 111 -38.05 -1.06 -7.17
C GLU B 111 -37.04 0.08 -7.06
N LYS B 112 -36.92 0.66 -5.86
CA LYS B 112 -35.93 1.72 -5.63
C LYS B 112 -34.51 1.19 -5.76
N ARG B 113 -34.27 -0.05 -5.30
CA ARG B 113 -32.95 -0.65 -5.41
C ARG B 113 -32.58 -0.92 -6.86
N LYS B 114 -33.53 -1.43 -7.64
CA LYS B 114 -33.31 -1.66 -9.06
C LYS B 114 -33.08 -0.36 -9.81
N ARG B 115 -33.82 0.70 -9.45
CA ARG B 115 -33.66 1.99 -10.11
C ARG B 115 -32.33 2.64 -9.76
N LEU B 116 -31.88 2.52 -8.51
CA LEU B 116 -30.60 3.08 -8.12
C LEU B 116 -29.45 2.33 -8.78
N SER B 117 -29.54 1.00 -8.85
CA SER B 117 -28.51 0.23 -9.52
C SER B 117 -28.50 0.44 -11.03
N THR B 118 -29.63 0.86 -11.62
CA THR B 118 -29.63 1.21 -13.03
C THR B 118 -29.04 2.60 -13.28
N ILE B 119 -29.36 3.56 -12.40
CA ILE B 119 -28.84 4.93 -12.53
C ILE B 119 -27.32 4.94 -12.35
N LEU B 120 -26.81 4.21 -11.36
CA LEU B 120 -25.39 4.21 -11.06
C LEU B 120 -24.53 3.60 -12.16
N THR B 121 -25.09 2.77 -13.03
CA THR B 121 -24.33 2.29 -14.17
C THR B 121 -24.63 3.05 -15.46
N THR B 122 -25.81 3.68 -15.56
CA THR B 122 -26.10 4.53 -16.70
C THR B 122 -25.20 5.77 -16.70
N MET B 123 -24.94 6.32 -15.51
CA MET B 123 -24.07 7.49 -15.40
C MET B 123 -22.63 7.17 -15.78
N SER B 124 -22.11 6.03 -15.31
CA SER B 124 -20.76 5.61 -15.67
C SER B 124 -20.65 5.24 -17.15
N THR B 125 -21.73 4.70 -17.73
CA THR B 125 -21.72 4.40 -19.16
C THR B 125 -21.73 5.68 -20.00
N ILE B 126 -22.47 6.70 -19.56
CA ILE B 126 -22.48 7.98 -20.27
C ILE B 126 -21.12 8.66 -20.16
N TYR B 127 -20.47 8.56 -19.00
CA TYR B 127 -19.17 9.20 -18.83
C TYR B 127 -18.09 8.48 -19.63
N SER B 128 -18.08 7.16 -19.64
CA SER B 128 -16.96 6.43 -20.22
C SER B 128 -16.93 6.51 -21.73
N THR B 129 -18.08 6.61 -22.38
CA THR B 129 -18.15 6.73 -23.84
C THR B 129 -18.47 8.18 -24.19
N GLY B 130 -17.42 8.99 -24.23
CA GLY B 130 -17.54 10.42 -24.51
C GLY B 130 -16.85 10.75 -25.83
N LYS B 131 -17.57 11.50 -26.66
CA LYS B 131 -17.10 11.83 -28.00
C LYS B 131 -17.39 13.30 -28.30
N VAL B 132 -16.35 14.05 -28.66
CA VAL B 132 -16.44 15.47 -28.94
C VAL B 132 -15.81 15.75 -30.29
N CYS B 133 -16.56 16.39 -31.18
CA CYS B 133 -16.06 16.83 -32.48
C CYS B 133 -15.97 18.36 -32.50
N ASN B 134 -15.23 18.88 -33.48
CA ASN B 134 -14.97 20.31 -33.56
C ASN B 134 -16.20 21.09 -34.01
N PRO B 135 -16.28 22.37 -33.69
CA PRO B 135 -17.17 23.27 -34.44
C PRO B 135 -16.58 23.70 -35.77
N ASN B 136 -15.31 23.39 -36.01
CA ASN B 136 -14.68 23.37 -37.33
C ASN B 136 -15.04 22.07 -38.03
N ASN B 137 -14.25 21.72 -39.07
CA ASN B 137 -14.39 20.49 -39.87
C ASN B 137 -14.53 19.25 -39.00
N PRO B 138 -15.73 18.65 -38.95
CA PRO B 138 -16.04 17.61 -37.98
C PRO B 138 -15.66 16.20 -38.43
N GLN B 139 -14.43 16.04 -38.92
CA GLN B 139 -13.89 14.73 -39.22
C GLN B 139 -13.03 14.19 -38.09
N GLN B 140 -12.69 15.03 -37.10
CA GLN B 140 -11.98 14.61 -35.92
C GLN B 140 -12.98 14.53 -34.76
N CYS B 141 -13.13 13.36 -34.17
CA CYS B 141 -14.00 13.16 -33.01
C CYS B 141 -13.22 12.31 -32.02
N PHE B 142 -12.52 12.97 -31.10
CA PHE B 142 -11.64 12.30 -30.17
C PHE B 142 -12.43 11.62 -29.06
N THR B 143 -11.81 10.62 -28.44
CA THR B 143 -12.35 9.99 -27.25
C THR B 143 -11.88 10.77 -26.02
N LEU B 144 -12.05 10.17 -24.84
CA LEU B 144 -11.61 10.84 -23.62
C LEU B 144 -10.10 10.94 -23.54
N SER B 145 -9.40 9.86 -23.90
CA SER B 145 -7.94 9.85 -23.83
C SER B 145 -7.28 10.64 -24.95
N GLY B 146 -8.05 11.16 -25.90
CA GLY B 146 -7.52 12.06 -26.90
C GLY B 146 -7.71 13.50 -26.49
N LEU B 147 -8.85 13.79 -25.86
CA LEU B 147 -9.09 15.14 -25.34
C LEU B 147 -8.27 15.43 -24.10
N GLU B 148 -7.92 14.40 -23.34
CA GLU B 148 -7.00 14.61 -22.22
C GLU B 148 -5.59 14.93 -22.71
N ASP B 149 -5.23 14.46 -23.89
CA ASP B 149 -3.92 14.73 -24.45
C ASP B 149 -3.90 15.95 -25.34
N ILE B 150 -5.07 16.44 -25.78
CA ILE B 150 -5.11 17.74 -26.46
C ILE B 150 -4.86 18.86 -25.47
N MET B 151 -5.61 18.88 -24.36
CA MET B 151 -5.51 19.97 -23.40
C MET B 151 -4.22 19.92 -22.59
N GLU B 152 -3.51 18.80 -22.59
CA GLU B 152 -2.27 18.69 -21.82
C GLU B 152 -1.12 19.41 -22.48
N LYS B 153 -1.03 19.39 -23.81
CA LYS B 153 0.12 19.97 -24.51
C LYS B 153 -0.31 20.84 -25.68
N SER B 154 -1.27 21.74 -25.44
CA SER B 154 -1.64 22.72 -26.45
C SER B 154 -1.54 24.11 -25.87
N LYS B 155 -0.99 25.02 -26.66
CA LYS B 155 -0.80 26.42 -26.27
C LYS B 155 -1.66 27.35 -27.13
N ASP B 156 -2.87 26.93 -27.42
CA ASP B 156 -3.79 27.69 -28.28
C ASP B 156 -5.04 28.02 -27.50
N TYR B 157 -5.49 29.28 -27.60
CA TYR B 157 -6.66 29.72 -26.85
C TYR B 157 -7.94 29.16 -27.44
N HIS B 158 -7.96 28.85 -28.73
CA HIS B 158 -9.19 28.44 -29.39
C HIS B 158 -9.31 26.94 -29.58
N GLU B 159 -8.25 26.18 -29.27
CA GLU B 159 -8.38 24.73 -29.22
C GLU B 159 -8.97 24.28 -27.88
N ARG B 160 -8.39 24.76 -26.79
CA ARG B 160 -8.81 24.35 -25.46
C ARG B 160 -10.21 24.83 -25.13
N LEU B 161 -10.63 25.96 -25.71
CA LEU B 161 -11.99 26.44 -25.51
C LEU B 161 -13.01 25.51 -26.14
N TRP B 162 -12.74 25.03 -27.37
CA TRP B 162 -13.61 24.06 -28.00
C TRP B 162 -13.64 22.76 -27.22
N VAL B 163 -12.48 22.29 -26.75
CA VAL B 163 -12.43 21.00 -26.05
C VAL B 163 -13.18 21.08 -24.71
N TRP B 164 -12.98 22.17 -23.97
CA TRP B 164 -13.63 22.38 -22.68
C TRP B 164 -15.15 22.49 -22.83
N GLU B 165 -15.60 23.35 -23.76
CA GLU B 165 -17.04 23.55 -23.96
C GLU B 165 -17.70 22.30 -24.54
N GLY B 166 -17.01 21.57 -25.43
CA GLY B 166 -17.60 20.39 -26.01
C GLY B 166 -17.71 19.24 -25.03
N TRP B 167 -16.70 19.07 -24.17
CA TRP B 167 -16.79 18.03 -23.15
C TRP B 167 -17.86 18.37 -22.11
N ARG B 168 -18.01 19.65 -21.77
CA ARG B 168 -19.03 19.97 -20.78
C ARG B 168 -20.42 20.11 -21.36
N SER B 169 -20.58 20.13 -22.68
CA SER B 169 -21.90 20.15 -23.29
C SER B 169 -22.31 18.83 -23.93
N GLU B 170 -21.40 17.87 -24.09
CA GLU B 170 -21.76 16.57 -24.63
C GLU B 170 -21.78 15.47 -23.60
N VAL B 171 -21.29 15.71 -22.39
CA VAL B 171 -21.30 14.73 -21.30
C VAL B 171 -22.05 15.26 -20.09
N GLY B 172 -21.69 16.46 -19.64
CA GLY B 172 -22.37 17.06 -18.50
C GLY B 172 -23.77 17.54 -18.76
N LYS B 173 -24.17 17.66 -20.03
CA LYS B 173 -25.54 18.03 -20.37
C LYS B 173 -26.50 16.87 -20.23
N GLN B 174 -26.00 15.64 -20.29
CA GLN B 174 -26.84 14.45 -20.18
C GLN B 174 -26.92 13.91 -18.77
N LEU B 175 -25.89 14.13 -17.95
CA LEU B 175 -25.87 13.61 -16.59
C LEU B 175 -26.73 14.39 -15.62
N ARG B 176 -27.24 15.56 -16.01
CA ARG B 176 -28.03 16.36 -15.08
C ARG B 176 -29.38 15.73 -14.73
N PRO B 177 -30.22 15.24 -15.67
CA PRO B 177 -31.44 14.55 -15.22
C PRO B 177 -31.21 13.18 -14.61
N LEU B 178 -29.98 12.65 -14.64
CA LEU B 178 -29.66 11.44 -13.89
C LEU B 178 -29.13 11.78 -12.50
N TYR B 179 -28.33 12.84 -12.39
CA TYR B 179 -27.83 13.27 -11.08
C TYR B 179 -28.96 13.78 -10.21
N GLU B 180 -29.98 14.41 -10.80
CA GLU B 180 -31.11 14.91 -10.04
C GLU B 180 -31.93 13.79 -9.39
N GLU B 181 -31.88 12.57 -9.92
CA GLU B 181 -32.52 11.43 -9.28
C GLU B 181 -31.57 10.65 -8.39
N TYR B 182 -30.28 10.62 -8.74
CA TYR B 182 -29.28 9.95 -7.92
C TYR B 182 -29.16 10.61 -6.55
N VAL B 183 -29.25 11.94 -6.50
CA VAL B 183 -29.21 12.67 -5.23
C VAL B 183 -30.37 12.27 -4.32
N GLU B 184 -31.57 12.20 -4.89
CA GLU B 184 -32.76 11.91 -4.09
C GLU B 184 -32.78 10.46 -3.63
N LEU B 185 -32.36 9.53 -4.49
CA LEU B 185 -32.33 8.12 -4.09
C LEU B 185 -31.25 7.86 -3.04
N LYS B 186 -30.10 8.54 -3.15
CA LYS B 186 -29.08 8.34 -2.13
C LYS B 186 -29.45 9.00 -0.81
N ASN B 187 -30.22 10.10 -0.85
CA ASN B 187 -30.70 10.67 0.39
C ASN B 187 -31.74 9.78 1.06
N GLU B 188 -32.60 9.12 0.26
CA GLU B 188 -33.54 8.17 0.84
C GLU B 188 -32.84 6.93 1.37
N MET B 189 -31.73 6.53 0.74
CA MET B 189 -30.94 5.41 1.27
C MET B 189 -30.24 5.80 2.56
N ALA B 190 -29.80 7.05 2.66
CA ALA B 190 -29.08 7.48 3.86
C ALA B 190 -30.02 7.80 5.02
N ARG B 191 -31.28 8.14 4.76
CA ARG B 191 -32.23 8.26 5.86
C ARG B 191 -32.96 6.94 6.12
N GLY B 192 -32.22 5.86 6.19
CA GLY B 192 -32.75 4.58 6.62
C GLY B 192 -31.84 3.99 7.68
N ASN B 193 -30.60 4.49 7.70
CA ASN B 193 -29.57 4.02 8.61
C ASN B 193 -29.26 5.05 9.68
N ASN B 194 -30.26 5.87 10.03
CA ASN B 194 -30.19 6.91 11.07
C ASN B 194 -29.08 7.92 10.78
N TYR B 195 -29.10 8.47 9.59
CA TYR B 195 -28.29 9.62 9.21
C TYR B 195 -29.22 10.76 8.83
N LYS B 196 -28.66 11.84 8.30
CA LYS B 196 -29.44 12.98 7.85
C LYS B 196 -29.46 13.12 6.33
N ASP B 197 -28.30 13.08 5.69
CA ASP B 197 -28.21 13.08 4.24
C ASP B 197 -27.12 12.11 3.84
N TYR B 198 -26.80 12.09 2.55
CA TYR B 198 -25.70 11.26 2.09
C TYR B 198 -24.35 11.86 2.48
N GLY B 199 -24.29 13.17 2.70
CA GLY B 199 -23.07 13.78 3.20
C GLY B 199 -22.71 13.32 4.60
N ASP B 200 -23.72 13.03 5.42
CA ASP B 200 -23.44 12.47 6.75
C ASP B 200 -22.93 11.04 6.64
N TYR B 201 -23.46 10.28 5.68
CA TYR B 201 -22.97 8.93 5.42
C TYR B 201 -21.52 8.95 4.94
N TRP B 202 -21.12 10.02 4.24
CA TRP B 202 -19.74 10.11 3.79
C TRP B 202 -18.81 10.65 4.87
N ARG B 203 -19.31 11.53 5.75
CA ARG B 203 -18.48 12.04 6.82
C ARG B 203 -18.46 11.12 8.03
N GLY B 204 -19.24 10.06 8.03
CA GLY B 204 -19.10 9.05 9.07
C GLY B 204 -17.93 8.12 8.91
N ASP B 205 -17.06 8.37 7.94
CA ASP B 205 -15.82 7.63 7.79
C ASP B 205 -14.79 8.06 8.82
N TYR B 206 -14.84 9.31 9.27
CA TYR B 206 -13.88 9.87 10.21
C TYR B 206 -14.41 9.94 11.62
N GLU B 207 -15.51 9.25 11.92
CA GLU B 207 -16.08 9.28 13.26
C GLU B 207 -15.47 8.17 14.10
N THR B 208 -14.98 8.54 15.28
CA THR B 208 -14.51 7.58 16.25
C THR B 208 -15.17 7.87 17.60
N GLU B 209 -14.89 7.02 18.57
CA GLU B 209 -15.36 7.21 19.93
C GLU B 209 -14.31 6.67 20.89
N GLY B 210 -14.19 7.31 22.05
CA GLY B 210 -13.20 6.88 23.01
C GLY B 210 -13.24 7.73 24.25
N GLU B 211 -12.10 7.82 24.92
CA GLU B 211 -11.96 8.57 26.15
C GLU B 211 -11.81 10.05 25.84
N LYS B 212 -11.37 10.82 26.83
CA LYS B 212 -11.28 12.27 26.71
C LYS B 212 -10.23 12.67 25.68
N GLY B 213 -10.65 13.39 24.65
CA GLY B 213 -9.75 13.92 23.66
C GLY B 213 -9.68 13.13 22.38
N TYR B 214 -9.98 11.84 22.43
CA TYR B 214 -9.79 10.96 21.28
C TYR B 214 -11.05 10.75 20.46
N ASN B 215 -12.12 11.48 20.74
CA ASN B 215 -13.34 11.30 19.95
C ASN B 215 -13.39 12.30 18.81
N TYR B 216 -14.30 12.04 17.87
CA TYR B 216 -14.42 12.82 16.65
C TYR B 216 -15.79 12.53 16.07
N SER B 217 -16.53 13.58 15.72
CA SER B 217 -17.88 13.42 15.21
C SER B 217 -17.92 13.74 13.72
N ARG B 218 -19.09 13.56 13.12
CA ARG B 218 -19.26 13.90 11.71
C ARG B 218 -19.44 15.39 11.50
N ASN B 219 -19.94 16.11 12.49
CA ASN B 219 -20.18 17.54 12.38
C ASN B 219 -18.96 18.37 12.73
N TYR B 220 -17.85 17.74 13.08
CA TYR B 220 -16.62 18.45 13.37
C TYR B 220 -15.65 18.44 12.19
N LEU B 221 -15.86 17.56 11.22
CA LEU B 221 -14.98 17.46 10.07
C LEU B 221 -15.09 18.68 9.17
N MET B 222 -16.30 19.25 9.05
CA MET B 222 -16.49 20.43 8.22
C MET B 222 -15.80 21.65 8.81
N GLU B 223 -15.92 21.84 10.13
CA GLU B 223 -15.21 22.92 10.81
C GLU B 223 -13.71 22.72 10.75
N ASP B 224 -13.26 21.47 10.81
CA ASP B 224 -11.83 21.19 10.75
C ASP B 224 -11.24 21.49 9.39
N VAL B 225 -11.94 21.10 8.30
CA VAL B 225 -11.38 21.38 6.99
C VAL B 225 -11.51 22.85 6.64
N ASP B 226 -12.50 23.56 7.20
CA ASP B 226 -12.57 25.01 7.01
C ASP B 226 -11.41 25.72 7.72
N ARG B 227 -11.09 25.28 8.93
CA ARG B 227 -9.96 25.85 9.67
C ARG B 227 -8.64 25.59 8.95
N ILE B 228 -8.45 24.38 8.43
CA ILE B 228 -7.20 24.05 7.74
C ILE B 228 -7.09 24.83 6.43
N PHE B 229 -8.20 25.02 5.71
CA PHE B 229 -8.10 25.76 4.45
C PHE B 229 -7.86 27.25 4.68
N LEU B 230 -8.48 27.83 5.71
CA LEU B 230 -8.18 29.21 6.03
C LEU B 230 -6.77 29.39 6.57
N GLU B 231 -6.18 28.33 7.13
CA GLU B 231 -4.76 28.39 7.49
C GLU B 231 -3.86 28.29 6.27
N ILE B 232 -4.28 27.54 5.25
CA ILE B 232 -3.41 27.25 4.11
C ILE B 232 -3.55 28.23 2.94
N LYS B 233 -4.56 29.10 2.96
CA LYS B 233 -4.84 29.97 1.82
C LYS B 233 -3.78 31.00 1.39
N PRO B 234 -2.97 31.64 2.28
CA PRO B 234 -1.98 32.62 1.76
C PRO B 234 -0.92 32.07 0.82
N LEU B 235 -0.42 30.86 1.05
CA LEU B 235 0.54 30.27 0.12
C LEU B 235 -0.10 30.01 -1.24
N TYR B 236 -1.38 29.64 -1.25
CA TYR B 236 -2.09 29.46 -2.51
C TYR B 236 -2.32 30.79 -3.20
N GLU B 237 -2.54 31.86 -2.44
CA GLU B 237 -2.72 33.17 -3.07
C GLU B 237 -1.43 33.66 -3.73
N GLN B 238 -0.29 33.43 -3.09
CA GLN B 238 0.99 33.78 -3.70
C GLN B 238 1.28 32.94 -4.93
N LEU B 239 0.98 31.64 -4.87
CA LEU B 239 1.20 30.76 -6.03
C LEU B 239 0.27 31.13 -7.19
N HIS B 240 -0.98 31.50 -6.89
CA HIS B 240 -1.92 31.90 -7.91
C HIS B 240 -1.52 33.21 -8.56
N ALA B 241 -0.98 34.16 -7.79
CA ALA B 241 -0.50 35.40 -8.38
C ALA B 241 0.70 35.18 -9.27
N TYR B 242 1.60 34.26 -8.88
CA TYR B 242 2.76 33.96 -9.73
C TYR B 242 2.34 33.29 -11.03
N VAL B 243 1.44 32.31 -10.96
CA VAL B 243 0.99 31.60 -12.15
C VAL B 243 0.21 32.53 -13.08
N ARG B 244 -0.55 33.47 -12.51
CA ARG B 244 -1.26 34.45 -13.33
C ARG B 244 -0.30 35.42 -14.01
N ALA B 245 0.76 35.83 -13.31
CA ALA B 245 1.74 36.71 -13.93
C ALA B 245 2.53 36.02 -15.04
N LYS B 246 2.69 34.70 -14.97
CA LYS B 246 3.33 34.00 -16.08
C LYS B 246 2.37 33.73 -17.24
N LEU B 247 1.11 33.42 -16.92
CA LEU B 247 0.12 33.17 -17.96
C LEU B 247 -0.24 34.44 -18.72
N MET B 248 -0.09 35.61 -18.08
CA MET B 248 -0.25 36.87 -18.81
C MET B 248 0.85 37.05 -19.85
N LYS B 249 2.06 36.54 -19.58
CA LYS B 249 3.09 36.53 -20.60
C LYS B 249 2.80 35.48 -21.67
N ALA B 250 2.14 34.39 -21.31
CA ALA B 250 1.88 33.33 -22.28
C ALA B 250 0.81 33.74 -23.27
N TYR B 251 -0.41 34.01 -22.79
CA TYR B 251 -1.54 34.34 -23.64
C TYR B 251 -1.87 35.83 -23.51
N PRO B 252 -1.47 36.67 -24.46
CA PRO B 252 -1.67 38.11 -24.29
C PRO B 252 -3.11 38.54 -24.55
N SER B 253 -3.49 39.62 -23.85
CA SER B 253 -4.77 40.32 -24.02
C SER B 253 -5.97 39.43 -23.75
N HIS B 254 -5.83 38.47 -22.83
CA HIS B 254 -6.93 37.58 -22.47
C HIS B 254 -7.13 37.44 -20.96
N ILE B 255 -6.12 37.72 -20.15
CA ILE B 255 -6.20 37.54 -18.70
C ILE B 255 -6.04 38.90 -18.04
N SER B 256 -6.89 39.17 -17.04
CA SER B 256 -6.83 40.42 -16.32
C SER B 256 -5.63 40.45 -15.39
N PRO B 257 -5.00 41.61 -15.20
CA PRO B 257 -3.86 41.70 -14.29
C PRO B 257 -4.22 41.56 -12.81
N THR B 258 -5.50 41.65 -12.44
CA THR B 258 -5.90 41.39 -11.06
C THR B 258 -7.18 40.58 -10.99
N GLY B 259 -7.54 39.88 -12.06
CA GLY B 259 -8.73 39.03 -12.07
C GLY B 259 -8.39 37.57 -11.93
N CYS B 260 -9.43 36.75 -12.04
CA CYS B 260 -9.29 35.31 -11.93
C CYS B 260 -8.67 34.74 -13.20
N LEU B 261 -8.25 33.48 -13.11
CA LEU B 261 -7.72 32.74 -14.25
C LEU B 261 -8.86 32.05 -15.01
N PRO B 262 -8.81 32.02 -16.34
CA PRO B 262 -9.83 31.29 -17.08
C PRO B 262 -9.69 29.79 -16.88
N ALA B 263 -10.82 29.09 -16.96
CA ALA B 263 -10.85 27.69 -16.57
C ALA B 263 -10.22 26.77 -17.60
N HIS B 264 -10.05 27.22 -18.83
CA HIS B 264 -9.58 26.34 -19.89
C HIS B 264 -8.09 26.47 -20.15
N LEU B 265 -7.34 27.10 -19.26
CA LEU B 265 -5.91 27.28 -19.45
C LEU B 265 -5.06 26.62 -18.38
N LEU B 266 -5.66 25.91 -17.43
CA LEU B 266 -4.95 25.43 -16.25
C LEU B 266 -4.52 23.97 -16.40
N GLY B 267 -3.74 23.70 -17.44
CA GLY B 267 -3.08 22.42 -17.53
C GLY B 267 -3.88 21.29 -18.13
N ASP B 268 -5.04 20.98 -17.56
CA ASP B 268 -5.82 19.83 -18.00
C ASP B 268 -7.28 20.25 -18.11
N MET B 269 -8.16 19.25 -18.24
CA MET B 269 -9.56 19.54 -18.58
C MET B 269 -10.32 20.11 -17.39
N TRP B 270 -10.06 19.62 -16.20
CA TRP B 270 -10.83 20.04 -15.03
C TRP B 270 -10.10 21.06 -14.17
N GLY B 271 -8.80 21.25 -14.37
CA GLY B 271 -8.06 22.15 -13.52
C GLY B 271 -7.74 21.56 -12.17
N ARG B 272 -7.60 20.24 -12.09
CA ARG B 272 -7.35 19.59 -10.81
C ARG B 272 -5.89 19.76 -10.40
N PHE B 273 -4.97 19.30 -11.23
CA PHE B 273 -3.54 19.50 -11.00
C PHE B 273 -3.02 20.59 -11.91
N TRP B 274 -2.09 21.40 -11.39
CA TRP B 274 -1.45 22.44 -12.16
C TRP B 274 -0.08 22.02 -12.66
N THR B 275 0.14 20.72 -12.87
CA THR B 275 1.48 20.22 -13.13
C THR B 275 1.97 20.60 -14.53
N ASN B 276 1.06 20.72 -15.48
CA ASN B 276 1.43 20.99 -16.87
C ASN B 276 1.69 22.46 -17.13
N LEU B 277 1.61 23.31 -16.12
CA LEU B 277 2.03 24.70 -16.22
C LEU B 277 3.49 24.88 -15.84
N TYR B 278 4.27 23.80 -15.77
CA TYR B 278 5.65 23.91 -15.34
C TYR B 278 6.56 24.43 -16.44
N ASN B 279 6.22 24.18 -17.70
CA ASN B 279 7.01 24.76 -18.78
C ASN B 279 6.70 26.23 -18.99
N LEU B 280 5.58 26.72 -18.47
CA LEU B 280 5.24 28.14 -18.58
C LEU B 280 5.71 28.93 -17.37
N THR B 281 5.41 28.46 -16.16
CA THR B 281 5.67 29.19 -14.94
C THR B 281 6.95 28.74 -14.26
N VAL B 282 7.97 28.43 -15.04
CA VAL B 282 9.22 27.91 -14.47
C VAL B 282 10.00 29.06 -13.85
N PRO B 283 10.82 28.80 -12.82
CA PRO B 283 11.84 29.76 -12.39
C PRO B 283 13.01 29.85 -13.36
N LEU B 284 14.18 30.28 -12.84
CA LEU B 284 15.35 30.57 -13.65
C LEU B 284 15.82 29.32 -14.37
N GLU B 285 15.35 29.20 -15.62
CA GLU B 285 15.28 27.98 -16.42
C GLU B 285 16.62 27.31 -16.69
N LYS B 286 17.72 28.06 -16.66
CA LYS B 286 19.04 27.51 -16.96
C LYS B 286 19.52 26.66 -15.77
N GLU B 287 18.89 25.49 -15.61
CA GLU B 287 19.25 24.45 -14.67
C GLU B 287 18.63 23.13 -15.12
N PRO B 288 19.36 22.28 -15.82
CA PRO B 288 18.81 20.95 -16.15
C PRO B 288 18.61 20.12 -14.90
N ASN B 289 17.49 19.38 -14.88
CA ASN B 289 17.01 18.73 -13.67
C ASN B 289 17.81 17.47 -13.39
N ILE B 290 17.41 16.75 -12.34
CA ILE B 290 18.08 15.53 -11.92
C ILE B 290 17.35 14.36 -12.58
N ASP B 291 18.00 13.76 -13.58
CA ASP B 291 17.45 12.63 -14.31
C ASP B 291 18.51 11.53 -14.28
N VAL B 292 18.29 10.52 -13.45
CA VAL B 292 19.27 9.47 -13.24
C VAL B 292 18.95 8.26 -14.11
N THR B 293 18.12 8.48 -15.14
CA THR B 293 17.73 7.38 -16.02
C THR B 293 18.90 6.90 -16.86
N ASP B 294 19.73 7.83 -17.34
CA ASP B 294 20.88 7.43 -18.15
C ASP B 294 21.94 6.74 -17.31
N THR B 295 22.15 7.20 -16.08
CA THR B 295 23.11 6.54 -15.21
C THR B 295 22.59 5.18 -14.75
N MET B 296 21.28 5.01 -14.65
CA MET B 296 20.72 3.70 -14.34
C MET B 296 20.86 2.76 -15.52
N LYS B 297 20.69 3.26 -16.74
CA LYS B 297 20.83 2.39 -17.91
C LYS B 297 22.28 2.05 -18.20
N LYS B 298 23.22 2.94 -17.85
CA LYS B 298 24.63 2.62 -18.04
C LYS B 298 25.15 1.62 -17.03
N GLN B 299 24.52 1.52 -15.86
CA GLN B 299 24.91 0.53 -14.86
C GLN B 299 24.15 -0.78 -14.99
N SER B 300 23.26 -0.87 -16.00
CA SER B 300 22.46 -2.07 -16.31
C SER B 300 21.58 -2.50 -15.13
N TRP B 301 20.65 -1.63 -14.78
CA TRP B 301 19.64 -1.95 -13.78
C TRP B 301 18.42 -2.55 -14.44
N ASP B 302 17.80 -3.51 -13.78
CA ASP B 302 16.55 -4.12 -14.24
C ASP B 302 15.51 -4.02 -13.13
N ALA B 303 14.39 -4.74 -13.28
CA ALA B 303 13.31 -4.62 -12.29
C ALA B 303 13.70 -5.25 -10.95
N GLU B 304 14.42 -6.37 -11.00
CA GLU B 304 14.83 -7.05 -9.77
C GLU B 304 15.81 -6.21 -8.97
N LYS B 305 16.71 -5.50 -9.64
CA LYS B 305 17.65 -4.61 -8.95
C LYS B 305 16.94 -3.44 -8.31
N ILE B 306 15.89 -2.92 -8.96
CA ILE B 306 15.11 -1.82 -8.41
C ILE B 306 14.38 -2.25 -7.15
N PHE B 307 13.74 -3.42 -7.18
CA PHE B 307 13.02 -3.86 -6.00
C PHE B 307 13.96 -4.32 -4.89
N LYS B 308 15.16 -4.81 -5.24
CA LYS B 308 16.13 -5.14 -4.20
C LYS B 308 16.68 -3.88 -3.52
N GLU B 309 16.86 -2.80 -4.28
CA GLU B 309 17.29 -1.55 -3.67
C GLU B 309 16.19 -0.95 -2.79
N ALA B 310 14.92 -1.11 -3.19
CA ALA B 310 13.82 -0.65 -2.35
C ALA B 310 13.73 -1.45 -1.05
N GLU B 311 13.96 -2.76 -1.13
CA GLU B 311 13.97 -3.57 0.09
C GLU B 311 15.16 -3.25 0.98
N LYS B 312 16.30 -2.90 0.40
CA LYS B 312 17.44 -2.44 1.20
C LYS B 312 17.13 -1.14 1.91
N PHE B 313 16.42 -0.22 1.24
CA PHE B 313 16.02 1.03 1.88
C PHE B 313 15.07 0.78 3.04
N TYR B 314 14.11 -0.13 2.87
CA TYR B 314 13.17 -0.38 3.96
C TYR B 314 13.78 -1.18 5.09
N SER B 315 14.80 -1.99 4.82
CA SER B 315 15.51 -2.66 5.89
C SER B 315 16.52 -1.75 6.58
N SER B 316 16.88 -0.63 5.97
CA SER B 316 17.81 0.29 6.61
C SER B 316 17.20 1.00 7.81
N VAL B 317 15.86 1.13 7.87
CA VAL B 317 15.22 1.88 8.93
C VAL B 317 14.59 0.99 9.99
N GLY B 318 14.59 -0.32 9.80
CA GLY B 318 14.15 -1.23 10.84
C GLY B 318 12.94 -2.07 10.51
N LEU B 319 12.25 -1.80 9.42
CA LEU B 319 11.10 -2.60 9.01
C LEU B 319 11.57 -3.94 8.45
N PRO B 320 10.74 -5.00 8.52
CA PRO B 320 11.21 -6.32 8.11
C PRO B 320 11.36 -6.48 6.61
N ASN B 321 11.95 -7.60 6.22
CA ASN B 321 12.17 -7.94 4.82
C ASN B 321 10.94 -8.58 4.25
N MET B 322 10.94 -8.80 2.95
CA MET B 322 9.83 -9.39 2.25
C MET B 322 9.77 -10.90 2.48
N THR B 323 8.61 -11.47 2.23
CA THR B 323 8.42 -12.89 2.32
C THR B 323 9.10 -13.59 1.16
N PRO B 324 9.41 -14.89 1.28
CA PRO B 324 9.94 -15.61 0.10
C PRO B 324 8.92 -15.84 -0.99
N GLY B 325 7.63 -15.71 -0.69
CA GLY B 325 6.60 -15.80 -1.71
C GLY B 325 6.22 -14.44 -2.28
N PHE B 326 7.16 -13.52 -2.25
CA PHE B 326 7.07 -12.25 -2.94
C PHE B 326 7.93 -12.21 -4.19
N TRP B 327 9.07 -12.89 -4.17
CA TRP B 327 9.95 -12.94 -5.32
C TRP B 327 9.60 -14.06 -6.28
N ARG B 328 8.56 -14.83 -5.98
CA ARG B 328 8.16 -15.94 -6.84
C ARG B 328 6.75 -15.84 -7.45
N ASP B 329 5.88 -15.01 -6.87
CA ASP B 329 4.54 -14.87 -7.38
C ASP B 329 4.21 -13.48 -7.90
N SER B 330 5.03 -12.48 -7.62
CA SER B 330 4.74 -11.13 -8.08
C SER B 330 5.02 -11.00 -9.57
N MET B 331 4.29 -10.10 -10.21
CA MET B 331 4.48 -9.78 -11.62
C MET B 331 5.26 -8.46 -11.67
N LEU B 332 6.57 -8.56 -11.59
CA LEU B 332 7.42 -7.38 -11.55
C LEU B 332 7.81 -6.89 -12.94
N THR B 333 7.49 -7.62 -14.00
CA THR B 333 7.74 -7.18 -15.35
C THR B 333 6.58 -7.59 -16.24
N GLU B 334 6.46 -6.90 -17.38
CA GLU B 334 5.45 -7.27 -18.35
C GLU B 334 5.83 -8.59 -19.01
N PRO B 335 4.89 -9.52 -19.18
CA PRO B 335 5.22 -10.84 -19.71
C PRO B 335 5.56 -10.79 -21.18
N SER B 336 6.04 -11.94 -21.67
CA SER B 336 6.36 -12.08 -23.09
C SER B 336 5.91 -13.43 -23.64
N ASP B 337 5.11 -14.18 -22.88
CA ASP B 337 4.63 -15.49 -23.31
C ASP B 337 3.20 -15.43 -23.81
N GLY B 338 2.72 -14.26 -24.20
CA GLY B 338 1.43 -14.12 -24.84
C GLY B 338 0.29 -13.65 -23.96
N ARG B 339 0.54 -13.38 -22.68
CA ARG B 339 -0.53 -12.97 -21.78
C ARG B 339 -0.84 -11.49 -21.96
N GLN B 340 -2.08 -11.13 -21.70
CA GLN B 340 -2.51 -9.73 -21.69
C GLN B 340 -2.77 -9.30 -20.27
N VAL B 341 -2.16 -8.19 -19.85
CA VAL B 341 -2.17 -7.76 -18.47
C VAL B 341 -2.72 -6.33 -18.38
N VAL B 342 -2.98 -5.91 -17.14
CA VAL B 342 -3.28 -4.53 -16.81
C VAL B 342 -2.03 -3.90 -16.23
N CYS B 343 -1.60 -2.76 -16.76
CA CYS B 343 -0.33 -2.15 -16.38
C CYS B 343 -0.52 -0.95 -15.46
N HIS B 344 -1.46 -1.03 -14.52
CA HIS B 344 -1.54 -0.07 -13.44
C HIS B 344 -0.95 -0.69 -12.19
N PRO B 345 0.00 -0.03 -11.51
CA PRO B 345 0.70 -0.68 -10.39
C PRO B 345 -0.18 -0.73 -9.15
N THR B 346 -0.28 -1.92 -8.56
CA THR B 346 -1.01 -2.14 -7.32
C THR B 346 -0.17 -2.96 -6.36
N ALA B 347 -0.59 -2.98 -5.11
CA ALA B 347 0.02 -3.81 -4.07
C ALA B 347 -1.07 -4.66 -3.44
N TRP B 348 -0.87 -5.97 -3.43
CA TRP B 348 -1.91 -6.91 -3.06
C TRP B 348 -1.67 -7.51 -1.68
N ASP B 349 -2.76 -7.88 -1.02
CA ASP B 349 -2.76 -8.33 0.37
C ASP B 349 -3.66 -9.57 0.49
N LEU B 350 -3.32 -10.61 -0.29
CA LEU B 350 -4.25 -11.69 -0.62
C LEU B 350 -4.77 -12.46 0.59
N GLY B 351 -4.00 -12.53 1.67
CA GLY B 351 -4.48 -13.37 2.75
C GLY B 351 -3.44 -13.89 3.72
N LYS B 352 -3.36 -15.21 3.85
CA LYS B 352 -2.54 -15.87 4.86
C LYS B 352 -1.06 -15.73 4.52
N ASN B 353 -0.52 -14.54 4.80
CA ASN B 353 0.88 -14.16 4.57
C ASN B 353 1.27 -14.31 3.09
N ASP B 354 0.48 -13.68 2.24
CA ASP B 354 0.68 -13.70 0.80
C ASP B 354 0.61 -12.26 0.31
N PHE B 355 1.77 -11.68 0.04
CA PHE B 355 1.86 -10.29 -0.40
C PHE B 355 2.52 -10.26 -1.75
N ARG B 356 1.81 -9.77 -2.76
CA ARG B 356 2.30 -9.70 -4.13
C ARG B 356 2.16 -8.29 -4.67
N ILE B 357 3.00 -7.94 -5.64
CA ILE B 357 2.96 -6.65 -6.31
C ILE B 357 2.85 -6.88 -7.80
N LYS B 358 1.86 -6.27 -8.44
CA LYS B 358 1.70 -6.29 -9.88
C LYS B 358 2.11 -4.94 -10.44
N MET B 359 3.16 -4.92 -11.26
CA MET B 359 3.71 -3.67 -11.75
C MET B 359 4.52 -3.92 -13.01
N CYS B 360 4.23 -3.17 -14.07
CA CYS B 360 4.98 -3.25 -15.32
C CYS B 360 6.17 -2.31 -15.23
N THR B 361 7.28 -2.81 -14.72
CA THR B 361 8.44 -1.98 -14.42
C THR B 361 9.27 -1.73 -15.67
N LYS B 362 9.51 -0.46 -15.98
CA LYS B 362 10.48 -0.05 -16.98
C LYS B 362 11.63 0.67 -16.30
N VAL B 363 12.82 0.59 -16.89
CA VAL B 363 14.00 1.14 -16.25
C VAL B 363 14.04 2.65 -16.46
N THR B 364 13.45 3.39 -15.53
CA THR B 364 13.43 4.85 -15.57
C THR B 364 13.55 5.38 -14.15
N MET B 365 13.56 6.70 -14.03
CA MET B 365 13.58 7.35 -12.73
C MET B 365 12.18 7.39 -12.11
N ASP B 366 11.14 7.51 -12.94
CA ASP B 366 9.78 7.55 -12.44
C ASP B 366 9.26 6.20 -11.98
N ASP B 367 9.84 5.11 -12.47
CA ASP B 367 9.49 3.78 -11.99
C ASP B 367 10.42 3.33 -10.87
N PHE B 368 11.38 4.15 -10.48
CA PHE B 368 12.17 3.93 -9.28
C PHE B 368 11.48 4.48 -8.05
N LEU B 369 10.63 5.50 -8.20
CA LEU B 369 9.86 6.04 -7.09
C LEU B 369 8.56 5.29 -6.86
N THR B 370 7.97 4.74 -7.92
CA THR B 370 6.76 3.95 -7.80
C THR B 370 7.03 2.53 -7.34
N ALA B 371 8.28 2.17 -7.06
CA ALA B 371 8.60 0.94 -6.34
C ALA B 371 8.71 1.18 -4.85
N HIS B 372 9.33 2.29 -4.45
CA HIS B 372 9.35 2.68 -3.04
C HIS B 372 7.98 3.10 -2.56
N HIS B 373 7.12 3.56 -3.46
CA HIS B 373 5.73 3.84 -3.08
C HIS B 373 4.95 2.55 -2.92
N GLU B 374 5.05 1.65 -3.89
CA GLU B 374 4.24 0.43 -3.88
C GLU B 374 4.71 -0.60 -2.87
N MET B 375 5.97 -0.54 -2.45
CA MET B 375 6.41 -1.38 -1.35
C MET B 375 6.18 -0.71 0.00
N GLY B 376 5.63 0.50 0.00
CA GLY B 376 5.19 1.13 1.23
C GLY B 376 3.82 0.71 1.68
N HIS B 377 3.05 0.08 0.80
CA HIS B 377 1.78 -0.52 1.13
C HIS B 377 1.94 -1.94 1.65
N ILE B 378 2.90 -2.67 1.10
CA ILE B 378 3.19 -4.02 1.57
C ILE B 378 3.74 -3.99 2.99
N GLN B 379 4.59 -3.02 3.30
CA GLN B 379 5.12 -2.89 4.65
C GLN B 379 4.08 -2.43 5.65
N TYR B 380 3.01 -1.78 5.19
CA TYR B 380 1.89 -1.48 6.08
C TYR B 380 1.01 -2.71 6.27
N ASP B 381 0.73 -3.45 5.20
CA ASP B 381 -0.09 -4.66 5.31
C ASP B 381 0.61 -5.78 6.06
N MET B 382 1.93 -5.77 6.16
CA MET B 382 2.67 -6.74 6.94
C MET B 382 2.70 -6.40 8.41
N ALA B 383 2.24 -5.22 8.81
CA ALA B 383 2.36 -4.78 10.19
C ALA B 383 1.12 -5.02 11.01
N TYR B 384 -0.07 -4.81 10.45
CA TYR B 384 -1.30 -5.11 11.16
C TYR B 384 -1.83 -6.49 10.83
N ALA B 385 -0.95 -7.43 10.47
CA ALA B 385 -1.39 -8.71 9.95
C ALA B 385 -1.90 -9.66 11.03
N ASN B 386 -1.67 -9.37 12.30
CA ASN B 386 -2.19 -10.23 13.36
C ASN B 386 -3.44 -9.66 14.02
N GLN B 387 -4.12 -8.74 13.35
CA GLN B 387 -5.39 -8.23 13.83
C GLN B 387 -6.51 -9.15 13.38
N SER B 388 -7.76 -8.77 13.63
CA SER B 388 -8.91 -9.53 13.19
C SER B 388 -9.11 -9.34 11.69
N TYR B 389 -10.17 -9.94 11.15
CA TYR B 389 -10.38 -9.80 9.71
C TYR B 389 -10.91 -8.42 9.37
N LEU B 390 -11.86 -7.91 10.16
CA LEU B 390 -12.49 -6.64 9.84
C LEU B 390 -11.61 -5.45 10.13
N LEU B 391 -10.57 -5.62 10.96
CA LEU B 391 -9.73 -4.51 11.40
C LEU B 391 -8.37 -4.50 10.73
N ARG B 392 -8.25 -5.12 9.56
CA ARG B 392 -7.03 -5.04 8.78
C ARG B 392 -7.17 -4.00 7.68
N ASN B 393 -7.12 -2.74 8.11
CA ASN B 393 -7.11 -1.61 7.20
C ASN B 393 -6.34 -0.48 7.86
N GLY B 394 -6.10 0.59 7.11
CA GLY B 394 -5.57 1.79 7.70
C GLY B 394 -6.55 2.44 8.64
N ALA B 395 -6.05 3.34 9.48
CA ALA B 395 -6.92 3.96 10.48
C ALA B 395 -7.94 4.90 9.86
N ASN B 396 -7.67 5.40 8.65
CA ASN B 396 -8.62 6.18 7.89
C ASN B 396 -8.58 5.71 6.44
N GLU B 397 -9.34 6.38 5.59
CA GLU B 397 -9.21 6.18 4.16
C GLU B 397 -8.02 6.91 3.58
N GLY B 398 -7.42 7.83 4.33
CA GLY B 398 -6.29 8.60 3.84
C GLY B 398 -4.98 8.20 4.46
N PHE B 399 -5.01 7.32 5.46
CA PHE B 399 -3.80 6.88 6.14
C PHE B 399 -2.95 5.96 5.28
N HIS B 400 -3.54 5.28 4.31
CA HIS B 400 -2.83 4.24 3.57
C HIS B 400 -2.05 4.78 2.40
N GLU B 401 -2.53 5.84 1.74
CA GLU B 401 -1.80 6.47 0.66
C GLU B 401 -0.98 7.66 1.11
N ALA B 402 -0.96 7.94 2.41
CA ALA B 402 -0.08 8.94 2.98
C ALA B 402 1.21 8.36 3.50
N VAL B 403 1.17 7.18 4.09
CA VAL B 403 2.38 6.50 4.53
C VAL B 403 3.19 5.96 3.37
N GLY B 404 2.59 5.83 2.19
CA GLY B 404 3.33 5.41 1.02
C GLY B 404 3.94 6.56 0.29
N GLU B 405 3.42 7.76 0.53
CA GLU B 405 3.94 8.97 -0.09
C GLU B 405 4.88 9.74 0.82
N VAL B 406 4.89 9.45 2.12
CA VAL B 406 5.88 10.06 3.01
C VAL B 406 7.25 9.42 2.86
N MET B 407 7.34 8.25 2.23
CA MET B 407 8.62 7.57 2.05
C MET B 407 9.06 7.55 0.60
N SER B 408 8.32 8.22 -0.29
CA SER B 408 8.84 8.64 -1.58
C SER B 408 9.41 10.04 -1.56
N LEU B 409 9.27 10.75 -0.44
CA LEU B 409 9.93 12.04 -0.25
C LEU B 409 11.38 11.89 0.16
N SER B 410 11.74 10.77 0.79
CA SER B 410 13.09 10.55 1.28
C SER B 410 14.02 9.98 0.23
N VAL B 411 13.49 9.45 -0.88
CA VAL B 411 14.35 8.79 -1.87
C VAL B 411 14.57 9.62 -3.12
N ALA B 412 13.85 10.72 -3.28
CA ALA B 412 14.06 11.61 -4.41
C ALA B 412 15.00 12.77 -4.08
N THR B 413 15.48 12.83 -2.86
CA THR B 413 16.41 13.87 -2.46
C THR B 413 17.81 13.56 -2.96
N PRO B 414 18.62 14.58 -3.25
CA PRO B 414 20.04 14.32 -3.58
C PRO B 414 20.88 13.86 -2.41
N LYS B 415 20.36 13.90 -1.18
CA LYS B 415 21.03 13.23 -0.07
C LYS B 415 21.01 11.71 -0.25
N HIS B 416 19.97 11.18 -0.90
CA HIS B 416 19.78 9.75 -1.07
C HIS B 416 20.28 9.24 -2.41
N LEU B 417 20.06 9.98 -3.49
CA LEU B 417 20.49 9.53 -4.80
C LEU B 417 22.00 9.65 -5.00
N LYS B 418 22.70 10.40 -4.15
CA LYS B 418 24.14 10.48 -4.23
C LYS B 418 24.82 9.38 -3.42
N GLY B 419 24.22 8.98 -2.31
CA GLY B 419 24.76 7.90 -1.50
C GLY B 419 24.55 6.52 -2.10
N MET B 420 23.65 6.39 -3.08
CA MET B 420 23.40 5.13 -3.75
C MET B 420 24.32 4.87 -4.94
N GLY B 421 25.09 5.88 -5.35
CA GLY B 421 25.94 5.75 -6.51
C GLY B 421 25.32 6.21 -7.81
N LEU B 422 24.09 6.73 -7.78
CA LEU B 422 23.46 7.21 -9.00
C LEU B 422 24.03 8.56 -9.42
N LEU B 423 23.86 9.56 -8.58
CA LEU B 423 24.47 10.86 -8.84
C LEU B 423 25.96 10.82 -8.57
N PRO B 424 26.76 11.63 -9.28
CA PRO B 424 28.17 11.73 -8.93
C PRO B 424 28.36 12.46 -7.60
N SER B 425 29.57 12.33 -7.07
CA SER B 425 29.86 12.92 -5.76
C SER B 425 29.98 14.44 -5.82
N ASP B 426 30.31 15.00 -6.99
CA ASP B 426 30.46 16.45 -7.14
C ASP B 426 29.20 17.01 -7.80
N PHE B 427 28.15 17.15 -7.00
CA PHE B 427 26.91 17.74 -7.46
C PHE B 427 26.69 19.08 -6.77
N SER B 428 26.06 20.00 -7.49
CA SER B 428 25.94 21.40 -7.06
C SER B 428 24.49 21.66 -6.64
N GLU B 429 24.26 21.73 -5.34
CA GLU B 429 22.94 22.00 -4.78
C GLU B 429 22.87 23.47 -4.39
N ASN B 430 22.71 24.32 -5.40
CA ASN B 430 22.50 25.74 -5.15
C ASN B 430 21.02 25.97 -4.85
N ASN B 431 20.66 27.18 -4.43
CA ASN B 431 19.27 27.46 -4.11
C ASN B 431 18.41 27.58 -5.36
N GLU B 432 19.00 27.84 -6.52
CA GLU B 432 18.26 27.87 -7.77
C GLU B 432 17.86 26.50 -8.26
N THR B 433 18.35 25.42 -7.64
CA THR B 433 17.81 24.10 -7.89
C THR B 433 16.82 23.66 -6.83
N GLU B 434 16.85 24.28 -5.64
CA GLU B 434 15.86 23.98 -4.63
C GLU B 434 14.55 24.71 -4.88
N ILE B 435 14.61 25.92 -5.43
CA ILE B 435 13.38 26.62 -5.80
C ILE B 435 12.72 25.94 -6.99
N ASN B 436 13.52 25.48 -7.95
CA ASN B 436 12.98 24.79 -9.13
C ASN B 436 12.42 23.41 -8.81
N PHE B 437 12.69 22.87 -7.63
CA PHE B 437 12.09 21.64 -7.16
C PHE B 437 10.88 21.89 -6.28
N LEU B 438 10.96 22.91 -5.41
CA LEU B 438 9.82 23.26 -4.57
C LEU B 438 8.64 23.78 -5.38
N LEU B 439 8.90 24.47 -6.49
CA LEU B 439 7.81 24.96 -7.33
C LEU B 439 7.11 23.80 -8.03
N LYS B 440 7.87 22.82 -8.51
CA LYS B 440 7.29 21.66 -9.17
C LYS B 440 6.58 20.76 -8.16
N GLN B 441 6.99 20.78 -6.90
CA GLN B 441 6.22 20.09 -5.88
C GLN B 441 4.92 20.83 -5.56
N ALA B 442 4.99 22.16 -5.50
CA ALA B 442 3.83 22.95 -5.07
C ALA B 442 2.76 22.97 -6.15
N LEU B 443 3.14 22.96 -7.42
CA LEU B 443 2.16 22.96 -8.51
C LEU B 443 1.34 21.68 -8.57
N THR B 444 1.80 20.60 -7.93
CA THR B 444 1.02 19.39 -7.82
C THR B 444 0.38 19.20 -6.45
N ILE B 445 0.93 19.81 -5.40
CA ILE B 445 0.45 19.59 -4.04
C ILE B 445 -0.47 20.70 -3.55
N VAL B 446 -0.05 21.96 -3.66
CA VAL B 446 -0.85 23.07 -3.15
C VAL B 446 -1.83 23.60 -4.19
N GLY B 447 -1.63 23.30 -5.46
CA GLY B 447 -2.57 23.73 -6.48
C GLY B 447 -3.83 22.91 -6.57
N THR B 448 -3.91 21.80 -5.84
CA THR B 448 -5.06 20.91 -5.90
C THR B 448 -5.85 20.84 -4.60
N LEU B 449 -5.47 21.61 -3.59
CA LEU B 449 -6.24 21.63 -2.34
C LEU B 449 -7.49 22.52 -2.39
N PRO B 450 -7.48 23.75 -2.94
CA PRO B 450 -8.76 24.47 -3.06
C PRO B 450 -9.76 23.83 -3.99
N PHE B 451 -9.31 23.14 -5.04
CA PHE B 451 -10.22 22.44 -5.93
C PHE B 451 -10.92 21.30 -5.20
N THR B 452 -10.15 20.50 -4.43
CA THR B 452 -10.70 19.38 -3.69
C THR B 452 -11.68 19.85 -2.62
N TYR B 453 -11.28 20.87 -1.87
CA TYR B 453 -12.13 21.40 -0.81
C TYR B 453 -13.40 22.03 -1.37
N MET B 454 -13.31 22.71 -2.52
CA MET B 454 -14.48 23.33 -3.12
C MET B 454 -15.44 22.30 -3.67
N LEU B 455 -14.92 21.25 -4.31
CA LEU B 455 -15.79 20.21 -4.88
C LEU B 455 -16.51 19.45 -3.78
N GLU B 456 -15.81 19.11 -2.70
CA GLU B 456 -16.47 18.38 -1.63
C GLU B 456 -17.43 19.27 -0.85
N LYS B 457 -17.14 20.57 -0.73
CA LYS B 457 -18.06 21.48 -0.06
C LYS B 457 -19.33 21.69 -0.88
N TRP B 458 -19.20 21.77 -2.20
CA TRP B 458 -20.38 21.88 -3.06
C TRP B 458 -21.23 20.62 -3.00
N ARG B 459 -20.60 19.44 -2.98
CA ARG B 459 -21.39 18.21 -2.91
C ARG B 459 -22.08 18.05 -1.56
N TRP B 460 -21.43 18.47 -0.47
CA TRP B 460 -22.07 18.44 0.83
C TRP B 460 -23.25 19.39 0.91
N MET B 461 -23.11 20.59 0.32
CA MET B 461 -24.23 21.53 0.32
C MET B 461 -25.36 21.08 -0.59
N VAL B 462 -25.05 20.33 -1.65
CA VAL B 462 -26.09 19.80 -2.52
C VAL B 462 -26.86 18.67 -1.83
N PHE B 463 -26.13 17.75 -1.18
CA PHE B 463 -26.80 16.63 -0.52
C PHE B 463 -27.56 17.07 0.72
N GLU B 464 -27.11 18.12 1.39
CA GLU B 464 -27.79 18.60 2.59
C GLU B 464 -29.13 19.23 2.27
N GLY B 465 -29.25 19.85 1.10
CA GLY B 465 -30.43 20.60 0.75
C GLY B 465 -30.26 22.11 0.83
N LYS B 466 -29.05 22.58 1.03
CA LYS B 466 -28.78 24.01 1.11
C LYS B 466 -28.61 24.65 -0.25
N ILE B 467 -28.55 23.85 -1.32
CA ILE B 467 -28.55 24.37 -2.68
C ILE B 467 -29.69 23.70 -3.42
N PRO B 468 -30.80 24.39 -3.69
CA PRO B 468 -31.86 23.80 -4.50
C PRO B 468 -31.43 23.64 -5.95
N LYS B 469 -32.21 22.86 -6.70
CA LYS B 469 -31.83 22.42 -8.03
C LYS B 469 -31.80 23.52 -9.07
N GLU B 470 -32.28 24.73 -8.74
CA GLU B 470 -32.21 25.87 -9.62
C GLU B 470 -30.92 26.66 -9.45
N GLN B 471 -30.06 26.27 -8.51
CA GLN B 471 -28.82 26.99 -8.24
C GLN B 471 -27.61 26.08 -8.26
N TRP B 472 -27.65 24.96 -8.98
CA TRP B 472 -26.50 24.06 -9.01
C TRP B 472 -25.37 24.60 -9.88
N MET B 473 -25.64 25.57 -10.74
CA MET B 473 -24.59 26.22 -11.51
C MET B 473 -24.43 27.68 -11.16
N GLU B 474 -25.38 28.27 -10.43
CA GLU B 474 -25.17 29.60 -9.87
C GLU B 474 -24.25 29.54 -8.66
N LYS B 475 -24.25 28.42 -7.94
CA LYS B 475 -23.40 28.25 -6.77
C LYS B 475 -22.09 27.54 -7.07
N TRP B 476 -21.98 26.84 -8.21
CA TRP B 476 -20.72 26.20 -8.54
C TRP B 476 -19.70 27.24 -9.00
N TRP B 477 -20.11 28.16 -9.88
CA TRP B 477 -19.20 29.18 -10.37
C TRP B 477 -19.09 30.40 -9.47
N GLU B 478 -19.89 30.47 -8.41
CA GLU B 478 -19.64 31.47 -7.38
C GLU B 478 -18.62 30.95 -6.38
N MET B 479 -18.73 29.67 -6.01
CA MET B 479 -17.74 29.05 -5.15
C MET B 479 -16.40 28.94 -5.85
N LYS B 480 -16.41 28.65 -7.15
CA LYS B 480 -15.17 28.56 -7.92
C LYS B 480 -14.52 29.91 -8.17
N ARG B 481 -15.19 31.01 -7.87
CA ARG B 481 -14.55 32.32 -7.90
C ARG B 481 -14.19 32.83 -6.52
N GLU B 482 -14.91 32.42 -5.48
CA GLU B 482 -14.55 32.87 -4.14
C GLU B 482 -13.44 32.04 -3.53
N ILE B 483 -13.32 30.76 -3.89
CA ILE B 483 -12.38 29.84 -3.26
C ILE B 483 -11.18 29.56 -4.16
N VAL B 484 -11.40 28.97 -5.33
CA VAL B 484 -10.30 28.58 -6.19
C VAL B 484 -9.72 29.78 -6.93
N GLY B 485 -10.56 30.71 -7.33
CA GLY B 485 -10.10 31.88 -8.06
C GLY B 485 -10.06 31.64 -9.55
N VAL B 486 -11.06 30.94 -10.07
CA VAL B 486 -11.10 30.48 -11.45
C VAL B 486 -12.42 30.89 -12.06
N VAL B 487 -12.38 31.58 -13.20
CA VAL B 487 -13.56 32.07 -13.86
C VAL B 487 -13.86 31.19 -15.07
N GLU B 488 -15.07 31.24 -15.52
CA GLU B 488 -15.56 30.49 -16.67
C GLU B 488 -15.35 31.28 -17.95
N PRO B 489 -15.09 30.61 -19.07
CA PRO B 489 -14.93 31.33 -20.33
C PRO B 489 -16.23 31.60 -21.06
N LEU B 490 -17.26 30.79 -20.79
CA LEU B 490 -18.56 30.91 -21.46
C LEU B 490 -19.66 30.78 -20.42
N PRO B 491 -20.75 31.55 -20.55
CA PRO B 491 -21.80 31.52 -19.53
C PRO B 491 -22.60 30.24 -19.51
N HIS B 492 -22.43 29.43 -18.47
CA HIS B 492 -23.16 28.19 -18.31
C HIS B 492 -24.40 28.43 -17.47
N ASP B 493 -25.58 28.22 -18.07
CA ASP B 493 -26.84 28.43 -17.38
C ASP B 493 -27.25 27.15 -16.66
N GLU B 494 -28.48 27.09 -16.18
CA GLU B 494 -28.93 25.98 -15.34
C GLU B 494 -29.44 24.80 -16.15
N THR B 495 -28.65 24.35 -17.12
CA THR B 495 -28.94 23.12 -17.85
C THR B 495 -27.72 22.23 -17.99
N TYR B 496 -26.52 22.74 -17.75
CA TYR B 496 -25.31 21.93 -17.68
C TYR B 496 -25.19 21.29 -16.30
N CYS B 497 -24.27 20.32 -16.21
CA CYS B 497 -23.80 19.84 -14.91
C CYS B 497 -22.30 19.67 -15.08
N ASP B 498 -21.57 20.74 -14.83
CA ASP B 498 -20.11 20.75 -14.89
C ASP B 498 -19.39 19.97 -13.79
N PRO B 499 -19.88 19.83 -12.56
CA PRO B 499 -19.23 18.88 -11.64
C PRO B 499 -19.38 17.43 -12.06
N ALA B 500 -20.47 17.08 -12.74
CA ALA B 500 -20.72 15.68 -13.10
C ALA B 500 -19.80 15.19 -14.22
N SER B 501 -19.03 16.07 -14.85
CA SER B 501 -18.10 15.67 -15.89
C SER B 501 -16.72 15.35 -15.35
N LEU B 502 -16.60 15.05 -14.06
CA LEU B 502 -15.39 14.53 -13.45
C LEU B 502 -15.60 13.05 -13.18
N PHE B 503 -14.50 12.31 -13.04
CA PHE B 503 -14.61 10.87 -12.88
C PHE B 503 -15.17 10.49 -11.52
N HIS B 504 -14.75 11.17 -10.46
CA HIS B 504 -15.18 10.81 -9.11
C HIS B 504 -16.61 11.23 -8.81
N VAL B 505 -17.20 12.10 -9.61
CA VAL B 505 -18.57 12.54 -9.36
C VAL B 505 -19.57 11.64 -10.08
N ALA B 506 -19.28 11.26 -11.33
CA ALA B 506 -20.16 10.37 -12.05
C ALA B 506 -20.09 8.93 -11.55
N ASN B 507 -18.99 8.54 -10.90
CA ASN B 507 -18.81 7.16 -10.45
C ASN B 507 -18.95 7.00 -8.95
N ASP B 508 -19.49 7.99 -8.25
CA ASP B 508 -19.91 7.92 -6.84
C ASP B 508 -18.75 7.59 -5.91
N TYR B 509 -17.79 8.50 -5.83
CA TYR B 509 -16.67 8.37 -4.93
C TYR B 509 -16.56 9.60 -4.04
N SER B 510 -16.08 9.39 -2.83
CA SER B 510 -15.81 10.52 -1.94
C SER B 510 -14.48 11.14 -2.29
N PHE B 511 -14.37 12.46 -2.06
CA PHE B 511 -13.23 13.22 -2.52
C PHE B 511 -12.47 13.91 -1.41
N ILE B 512 -12.88 13.76 -0.15
CA ILE B 512 -12.15 14.40 0.94
C ILE B 512 -10.94 13.58 1.36
N ARG B 513 -10.81 12.35 0.86
CA ARG B 513 -9.65 11.54 1.15
C ARG B 513 -8.41 12.02 0.42
N TYR B 514 -8.54 12.94 -0.54
CA TYR B 514 -7.40 13.60 -1.15
C TYR B 514 -7.03 14.89 -0.46
N PHE B 515 -7.88 15.39 0.43
CA PHE B 515 -7.57 16.57 1.24
C PHE B 515 -6.99 16.16 2.59
N THR B 516 -7.51 15.10 3.21
CA THR B 516 -7.00 14.64 4.50
C THR B 516 -5.87 13.65 4.34
N ARG B 517 -5.13 13.72 3.26
CA ARG B 517 -3.97 12.89 2.98
C ARG B 517 -2.73 13.71 2.72
N THR B 518 -2.88 14.90 2.13
CA THR B 518 -1.79 15.85 2.00
C THR B 518 -1.43 16.48 3.33
N ILE B 519 -2.38 16.61 4.25
CA ILE B 519 -2.06 17.14 5.57
C ILE B 519 -1.30 16.12 6.40
N LEU B 520 -1.80 14.88 6.45
CA LEU B 520 -1.11 13.81 7.16
C LEU B 520 -0.06 13.14 6.30
N GLU B 521 0.71 13.90 5.60
CA GLU B 521 1.92 13.44 4.96
C GLU B 521 3.08 14.33 5.32
N PHE B 522 2.86 15.64 5.33
CA PHE B 522 3.83 16.54 5.93
C PHE B 522 3.75 16.52 7.45
N GLN B 523 2.61 16.14 8.03
CA GLN B 523 2.58 15.88 9.46
C GLN B 523 3.39 14.64 9.83
N PHE B 524 3.45 13.64 8.97
CA PHE B 524 4.30 12.48 9.23
C PHE B 524 5.76 12.81 9.01
N GLN B 525 6.07 13.55 7.94
CA GLN B 525 7.46 13.83 7.59
C GLN B 525 8.11 14.77 8.60
N GLU B 526 7.37 15.76 9.10
CA GLU B 526 7.98 16.67 10.06
C GLU B 526 8.18 16.04 11.43
N ALA B 527 7.50 14.93 11.71
CA ALA B 527 7.73 14.21 12.95
C ALA B 527 8.77 13.11 12.80
N LEU B 528 8.89 12.53 11.61
CA LEU B 528 9.94 11.54 11.37
C LEU B 528 11.29 12.17 11.15
N CYS B 529 11.36 13.43 10.71
CA CYS B 529 12.65 14.06 10.51
C CYS B 529 13.21 14.69 11.77
N ARG B 530 12.37 15.05 12.75
CA ARG B 530 12.90 15.56 14.00
C ARG B 530 13.23 14.45 14.99
N THR B 531 12.86 13.21 14.71
CA THR B 531 13.30 12.07 15.50
C THR B 531 14.44 11.31 14.85
N ALA B 532 14.82 11.70 13.63
CA ALA B 532 16.04 11.22 13.00
C ALA B 532 17.18 12.23 13.11
N LYS B 533 16.98 13.28 13.91
CA LYS B 533 17.97 14.33 14.20
C LYS B 533 18.44 15.03 12.94
N HIS B 534 17.51 15.72 12.28
CA HIS B 534 17.82 16.48 11.09
C HIS B 534 18.26 17.90 11.45
N GLN B 535 19.15 18.45 10.63
CA GLN B 535 19.66 19.82 10.81
C GLN B 535 19.57 20.52 9.46
N GLY B 536 18.55 21.35 9.28
CA GLY B 536 18.37 22.08 8.05
C GLY B 536 16.92 22.27 7.69
N PRO B 537 16.64 22.65 6.44
CA PRO B 537 15.26 22.73 5.98
C PRO B 537 14.65 21.35 5.84
N LEU B 538 13.32 21.32 5.80
CA LEU B 538 12.61 20.05 5.78
C LEU B 538 12.66 19.37 4.43
N HIS B 539 12.87 20.11 3.35
CA HIS B 539 12.82 19.50 2.03
C HIS B 539 14.11 18.81 1.62
N LYS B 540 15.11 18.75 2.50
CA LYS B 540 16.34 18.02 2.23
C LYS B 540 16.51 16.83 3.17
N CYS B 541 15.45 16.44 3.89
CA CYS B 541 15.54 15.41 4.91
C CYS B 541 15.67 14.02 4.28
N ASP B 542 16.13 13.08 5.09
CA ASP B 542 16.35 11.70 4.64
C ASP B 542 16.34 10.81 5.87
N ILE B 543 15.33 9.94 5.97
CA ILE B 543 15.16 9.11 7.16
C ILE B 543 15.83 7.75 6.99
N SER B 544 16.68 7.59 5.99
CA SER B 544 17.42 6.35 5.83
C SER B 544 18.47 6.22 6.91
N ASN B 545 18.88 4.96 7.17
CA ASN B 545 19.95 4.59 8.11
C ASN B 545 19.64 5.05 9.53
N SER B 546 18.38 5.02 9.92
CA SER B 546 17.96 5.46 11.26
C SER B 546 16.89 4.51 11.77
N THR B 547 17.23 3.69 12.76
CA THR B 547 16.28 2.76 13.33
C THR B 547 15.40 3.37 14.41
N GLU B 548 15.58 4.65 14.71
CA GLU B 548 14.70 5.36 15.63
C GLU B 548 13.45 5.90 14.97
N ALA B 549 13.50 6.14 13.66
CA ALA B 549 12.31 6.57 12.93
C ALA B 549 11.43 5.39 12.55
N GLY B 550 12.05 4.24 12.29
CA GLY B 550 11.29 3.05 11.98
C GLY B 550 10.46 2.55 13.16
N LYS B 551 10.93 2.78 14.38
CA LYS B 551 10.17 2.36 15.55
C LYS B 551 8.92 3.23 15.73
N LYS B 552 9.06 4.55 15.54
CA LYS B 552 7.90 5.44 15.62
C LYS B 552 6.94 5.23 14.46
N LEU B 553 7.45 4.80 13.31
CA LEU B 553 6.56 4.44 12.22
C LEU B 553 5.79 3.16 12.53
N ASN B 554 6.50 2.12 12.96
CA ASN B 554 5.88 0.82 13.20
C ASN B 554 5.01 0.80 14.44
N ASP B 555 5.14 1.77 15.34
CA ASP B 555 4.17 1.87 16.44
C ASP B 555 2.84 2.43 15.98
N MET B 556 2.78 3.08 14.83
CA MET B 556 1.53 3.47 14.20
C MET B 556 1.02 2.38 13.26
N LEU B 557 1.93 1.73 12.54
CA LEU B 557 1.51 0.77 11.51
C LEU B 557 0.89 -0.48 12.12
N LYS B 558 1.27 -0.84 13.34
CA LYS B 558 0.82 -2.09 13.92
C LYS B 558 -0.59 -2.04 14.46
N LEU B 559 -1.20 -0.85 14.56
CA LEU B 559 -2.51 -0.75 15.18
C LEU B 559 -3.63 -1.17 14.24
N GLY B 560 -3.48 -0.90 12.95
CA GLY B 560 -4.55 -1.24 12.03
C GLY B 560 -5.70 -0.27 12.20
N LYS B 561 -6.90 -0.83 12.38
CA LYS B 561 -8.11 -0.04 12.56
C LYS B 561 -8.74 -0.29 13.92
N SER B 562 -7.98 -0.84 14.87
CA SER B 562 -8.54 -1.25 16.15
C SER B 562 -8.59 -0.12 17.17
N THR B 563 -7.87 0.96 16.95
CA THR B 563 -7.85 2.13 17.81
C THR B 563 -8.43 3.32 17.06
N PRO B 564 -8.90 4.35 17.76
CA PRO B 564 -9.30 5.58 17.06
C PRO B 564 -8.11 6.23 16.38
N TRP B 565 -8.35 6.84 15.22
CA TRP B 565 -7.25 7.36 14.41
C TRP B 565 -6.58 8.58 15.02
N THR B 566 -7.22 9.22 16.00
CA THR B 566 -6.53 10.27 16.74
C THR B 566 -5.46 9.69 17.66
N TYR B 567 -5.68 8.49 18.19
CA TYR B 567 -4.65 7.81 18.97
C TYR B 567 -3.48 7.38 18.09
N ALA B 568 -3.77 6.85 16.89
CA ALA B 568 -2.72 6.47 15.97
C ALA B 568 -1.99 7.69 15.40
N LEU B 569 -2.63 8.85 15.35
CA LEU B 569 -1.92 10.06 14.98
C LEU B 569 -1.07 10.59 16.12
N GLU B 570 -1.50 10.38 17.37
CA GLU B 570 -0.67 10.73 18.51
C GLU B 570 0.56 9.84 18.61
N LYS B 571 0.47 8.61 18.09
CA LYS B 571 1.61 7.70 18.13
C LYS B 571 2.79 8.15 17.27
N ILE B 572 2.58 8.98 16.25
CA ILE B 572 3.67 9.57 15.46
C ILE B 572 3.84 11.05 15.78
N ALA B 573 2.82 11.86 15.49
CA ALA B 573 3.01 13.30 15.46
C ALA B 573 2.93 13.94 16.84
N GLU B 574 2.52 13.17 17.86
CA GLU B 574 2.31 13.64 19.24
C GLU B 574 1.30 14.78 19.32
N THR B 575 0.34 14.79 18.41
CA THR B 575 -0.78 15.74 18.46
C THR B 575 -1.99 15.04 17.87
N LYS B 576 -3.13 15.16 18.54
CA LYS B 576 -4.32 14.43 18.15
C LYS B 576 -5.24 15.23 17.23
N GLU B 577 -4.73 16.28 16.60
CA GLU B 577 -5.47 17.08 15.64
C GLU B 577 -4.67 17.23 14.37
N MET B 578 -5.36 17.34 13.24
CA MET B 578 -4.70 17.68 11.99
C MET B 578 -4.45 19.17 11.93
N ASP B 579 -3.25 19.54 11.49
CA ASP B 579 -2.90 20.95 11.34
C ASP B 579 -2.01 21.14 10.13
N ALA B 580 -2.09 22.33 9.55
CA ALA B 580 -1.37 22.66 8.32
C ALA B 580 -0.10 23.45 8.60
N LYS B 581 0.39 23.40 9.82
CA LYS B 581 1.68 24.02 10.14
C LYS B 581 2.90 23.24 9.65
N PRO B 582 2.93 21.90 9.64
CA PRO B 582 4.03 21.23 8.93
C PRO B 582 4.00 21.33 7.41
N LEU B 583 2.88 21.69 6.79
CA LEU B 583 2.89 21.90 5.35
C LEU B 583 3.50 23.24 4.96
N LEU B 584 3.32 24.27 5.76
CA LEU B 584 3.89 25.58 5.49
C LEU B 584 5.32 25.69 5.96
N ASN B 585 5.83 24.67 6.65
CA ASN B 585 7.25 24.55 6.97
C ASN B 585 8.03 23.85 5.88
N TYR B 586 7.37 23.03 5.08
CA TYR B 586 8.02 22.43 3.92
C TYR B 586 8.28 23.48 2.85
N PHE B 587 7.25 24.23 2.47
CA PHE B 587 7.30 25.19 1.37
C PHE B 587 7.74 26.57 1.82
N ASN B 588 8.47 26.69 2.91
CA ASN B 588 8.87 28.00 3.41
C ASN B 588 9.93 28.73 2.58
N PRO B 589 10.93 28.08 1.95
CA PRO B 589 11.74 28.83 0.98
C PRO B 589 10.96 29.33 -0.22
N LEU B 590 10.00 28.55 -0.70
CA LEU B 590 9.17 29.00 -1.81
C LEU B 590 8.27 30.15 -1.40
N PHE B 591 7.74 30.10 -0.17
CA PHE B 591 6.89 31.18 0.30
C PHE B 591 7.68 32.45 0.59
N ARG B 592 8.97 32.32 0.91
CA ARG B 592 9.78 33.52 1.03
C ARG B 592 10.21 34.06 -0.33
N TRP B 593 10.37 33.18 -1.32
CA TRP B 593 10.80 33.63 -2.65
C TRP B 593 9.67 34.25 -3.45
N LEU B 594 8.44 33.73 -3.30
CA LEU B 594 7.31 34.26 -4.05
C LEU B 594 6.89 35.64 -3.56
N LYS B 595 7.11 35.94 -2.28
CA LYS B 595 6.78 37.27 -1.78
C LYS B 595 7.76 38.32 -2.30
N GLU B 596 8.98 37.91 -2.65
CA GLU B 596 9.91 38.83 -3.29
C GLU B 596 9.64 38.94 -4.77
N GLN B 597 9.21 37.86 -5.41
CA GLN B 597 9.00 37.89 -6.86
C GLN B 597 7.71 38.63 -7.22
N ASN B 598 6.61 38.35 -6.51
CA ASN B 598 5.32 38.93 -6.87
C ASN B 598 5.26 40.42 -6.54
N GLY B 599 5.52 40.77 -5.29
CA GLY B 599 5.36 42.14 -4.85
C GLY B 599 4.08 42.31 -4.07
N ASN B 600 3.15 43.10 -4.61
CA ASN B 600 1.86 43.35 -3.96
C ASN B 600 0.71 43.15 -4.93
N SER B 601 0.88 42.27 -5.90
CA SER B 601 -0.18 41.92 -6.84
C SER B 601 -1.02 40.74 -6.37
N VAL B 602 -0.87 40.34 -5.12
CA VAL B 602 -1.52 39.14 -4.60
C VAL B 602 -3.01 39.41 -4.41
N GLY B 603 -3.83 38.46 -4.83
CA GLY B 603 -5.27 38.53 -4.67
C GLY B 603 -5.98 38.62 -6.01
N TRP B 604 -7.29 38.41 -5.95
CA TRP B 604 -8.13 38.49 -7.13
C TRP B 604 -9.46 39.13 -6.76
N SER B 605 -10.11 39.70 -7.77
CA SER B 605 -11.44 40.28 -7.64
C SER B 605 -12.47 39.33 -8.25
N VAL B 606 -13.60 39.17 -7.57
CA VAL B 606 -14.57 38.14 -7.93
C VAL B 606 -15.43 38.62 -9.10
N ASP B 607 -14.95 38.36 -10.32
CA ASP B 607 -15.66 38.76 -11.53
C ASP B 607 -15.49 37.72 -12.63
#